data_5NQ1
#
_entry.id   5NQ1
#
_cell.length_a   59.388
_cell.length_b   60.288
_cell.length_c   65.645
_cell.angle_alpha   81.240
_cell.angle_beta   67.590
_cell.angle_gamma   67.940
#
_symmetry.space_group_name_H-M   'P 1'
#
loop_
_entity.id
_entity.type
_entity.pdbx_description
1 polymer 'MHC class I antigen'
2 polymer Beta-2-microglobulin
3 polymer ASP-PHE-GLU-ARG-GLU-GLY-TYR-SER-LEU
4 non-polymer 1,2-ETHANEDIOL
5 non-polymer GLYCEROL
6 non-polymer 'SULFATE ION'
7 water water
#
loop_
_entity_poly.entity_id
_entity_poly.type
_entity_poly.pdbx_seq_one_letter_code
_entity_poly.pdbx_strand_id
1 'polypeptide(L)'
;MGPHSLSYFSTAVSRPDRGDSRFIAVGYVDDTQFVRFDSDAPNPRMEPRAPWIQQEGQEYWDRNTRNVMGSAQINRVNLK
TLRGYYNQSEAGSHTLQWMYGCYLGPDGLLLRGYDQFAYDGADYLALNEDLRSWTAADMAAQISKRKWEAADAAEHWRSY
LQGTCVESLRRYLQMGKDTLQRAEPPKTHVTRHPSSDLGVTLRCWALGFHPKEISLTWQREGQDQSQDMELVETRPSGDG
TFQKWAALVVPPGEEQSYTCHVQHEGLQEPLTLRWD
;
A,D
2 'polypeptide(L)'
;MIQRTPKIQVYSRHPAENGKSNFLNCYVSGFHPSDIEVDLLKNGERIEKVEHSDLSFSKDWSFYLLYYTEFTPTEKDEYA
CRVNHVTLSQPKIVKWDRDM
;
B,E
3 'polypeptide(L)' DFEREGYSL C,F
#
loop_
_chem_comp.id
_chem_comp.type
_chem_comp.name
_chem_comp.formula
EDO non-polymer 1,2-ETHANEDIOL 'C2 H6 O2'
GOL non-polymer GLYCEROL 'C3 H8 O3'
SO4 non-polymer 'SULFATE ION' 'O4 S -2'
#
# COMPACT_ATOMS: atom_id res chain seq x y z
N MET A 1 21.14 10.40 -19.94
CA MET A 1 20.40 11.62 -19.43
C MET A 1 19.94 11.24 -18.00
N GLY A 2 18.83 11.80 -17.53
CA GLY A 2 18.49 11.88 -16.10
C GLY A 2 18.06 10.61 -15.38
N PRO A 3 17.02 10.71 -14.49
CA PRO A 3 16.43 9.47 -13.97
C PRO A 3 16.29 8.52 -15.21
N HIS A 4 17.07 7.44 -15.24
CA HIS A 4 16.71 6.29 -16.08
C HIS A 4 17.06 4.96 -15.41
N SER A 5 16.37 3.91 -15.86
CA SER A 5 16.43 2.57 -15.31
C SER A 5 16.32 1.49 -16.35
N LEU A 6 17.09 0.44 -16.17
CA LEU A 6 16.91 -0.81 -16.87
C LEU A 6 16.65 -1.86 -15.79
N SER A 7 15.56 -2.59 -15.95
CA SER A 7 15.12 -3.59 -14.99
C SER A 7 14.59 -4.82 -15.61
N TYR A 8 14.85 -5.94 -14.96
CA TYR A 8 14.31 -7.22 -15.32
C TYR A 8 13.53 -7.79 -14.12
N PHE A 9 12.32 -8.31 -14.39
CA PHE A 9 11.40 -8.84 -13.41
C PHE A 9 11.02 -10.21 -13.88
N SER A 10 11.41 -11.19 -13.06
CA SER A 10 11.24 -12.62 -13.31
C SER A 10 10.42 -13.27 -12.21
N THR A 11 9.72 -14.31 -12.59
CA THR A 11 8.75 -14.95 -11.74
C THR A 11 8.81 -16.44 -12.05
N ALA A 12 9.14 -17.23 -11.03
CA ALA A 12 9.18 -18.68 -11.11
C ALA A 12 8.09 -19.24 -10.20
N VAL A 13 7.22 -20.06 -10.76
CA VAL A 13 6.11 -20.60 -10.03
C VAL A 13 6.15 -22.14 -10.12
N SER A 14 6.15 -22.81 -8.99
CA SER A 14 5.94 -24.24 -8.96
C SER A 14 4.46 -24.56 -9.14
N ARG A 15 4.21 -25.61 -9.92
CA ARG A 15 2.89 -26.09 -10.24
C ARG A 15 2.78 -27.58 -9.98
N PRO A 16 2.68 -27.97 -8.70
CA PRO A 16 2.49 -29.40 -8.40
C PRO A 16 1.24 -30.03 -9.01
N ASP A 17 0.11 -29.33 -9.17
CA ASP A 17 -1.05 -29.86 -9.95
C ASP A 17 -0.78 -30.18 -11.46
N ARG A 18 0.30 -29.66 -12.04
CA ARG A 18 0.76 -29.96 -13.40
C ARG A 18 2.15 -30.61 -13.48
N GLY A 19 2.70 -31.00 -12.32
CA GLY A 19 3.95 -31.69 -12.23
C GLY A 19 5.13 -30.97 -12.84
N ASP A 20 5.19 -29.64 -12.74
CA ASP A 20 6.25 -28.89 -13.37
C ASP A 20 6.39 -27.49 -12.71
N SER A 21 7.01 -26.60 -13.46
CA SER A 21 7.18 -25.24 -13.00
C SER A 21 7.15 -24.30 -14.24
N ARG A 22 7.04 -23.02 -13.99
CA ARG A 22 6.92 -22.00 -15.03
C ARG A 22 7.83 -20.83 -14.65
N PHE A 23 8.45 -20.26 -15.65
CA PHE A 23 9.36 -19.12 -15.46
C PHE A 23 8.96 -18.07 -16.48
N ILE A 24 8.83 -16.84 -16.01
CA ILE A 24 8.48 -15.73 -16.85
C ILE A 24 9.43 -14.60 -16.51
N ALA A 25 9.88 -13.86 -17.53
CA ALA A 25 10.73 -12.70 -17.32
C ALA A 25 10.23 -11.57 -18.26
N VAL A 26 10.31 -10.36 -17.78
CA VAL A 26 10.14 -9.19 -18.61
C VAL A 26 11.22 -8.17 -18.29
N GLY A 27 11.53 -7.37 -19.27
CA GLY A 27 12.47 -6.29 -19.15
C GLY A 27 11.86 -4.95 -19.49
N TYR A 28 12.24 -3.98 -18.69
CA TYR A 28 11.76 -2.62 -18.74
C TYR A 28 12.92 -1.64 -18.89
N VAL A 29 12.80 -0.69 -19.78
CA VAL A 29 13.52 0.58 -19.68
C VAL A 29 12.52 1.58 -19.23
N ASP A 30 12.75 2.10 -18.04
CA ASP A 30 11.90 3.06 -17.41
C ASP A 30 10.51 2.37 -17.29
N ASP A 31 9.46 2.94 -17.88
CA ASP A 31 8.13 2.38 -17.79
C ASP A 31 7.74 1.53 -19.05
N THR A 32 8.71 1.18 -19.87
CA THR A 32 8.46 0.65 -21.17
C THR A 32 9.03 -0.73 -21.18
N GLN A 33 8.13 -1.70 -21.29
CA GLN A 33 8.51 -3.06 -21.51
C GLN A 33 9.11 -3.23 -22.89
N PHE A 34 10.21 -3.97 -22.96
CA PHE A 34 10.84 -4.24 -24.25
C PHE A 34 11.10 -5.69 -24.58
N VAL A 35 11.14 -6.58 -23.61
CA VAL A 35 11.29 -7.98 -23.95
C VAL A 35 10.53 -8.85 -22.99
N ARG A 36 10.36 -10.09 -23.44
CA ARG A 36 9.79 -11.09 -22.61
C ARG A 36 10.32 -12.47 -22.89
N PHE A 37 10.10 -13.32 -21.91
CA PHE A 37 10.35 -14.72 -21.99
C PHE A 37 9.31 -15.46 -21.18
N ASP A 38 8.81 -16.57 -21.72
CA ASP A 38 7.86 -17.45 -21.03
C ASP A 38 8.15 -18.91 -21.37
N SER A 39 8.45 -19.71 -20.36
CA SER A 39 8.76 -21.17 -20.52
C SER A 39 7.57 -22.02 -20.97
N ASP A 40 6.36 -21.50 -20.85
CA ASP A 40 5.18 -22.16 -21.46
C ASP A 40 4.95 -21.87 -22.94
N ALA A 41 5.70 -20.93 -23.52
CA ALA A 41 5.67 -20.76 -24.96
C ALA A 41 6.19 -22.08 -25.62
N PRO A 42 5.56 -22.60 -26.69
CA PRO A 42 6.32 -23.60 -27.51
C PRO A 42 7.47 -22.86 -28.24
N ASN A 43 8.65 -23.48 -28.33
CA ASN A 43 9.83 -22.78 -28.83
C ASN A 43 10.04 -21.47 -28.00
N PRO A 44 10.31 -21.61 -26.68
CA PRO A 44 10.53 -20.40 -25.85
C PRO A 44 11.85 -19.64 -26.10
N ARG A 45 11.71 -18.37 -26.43
CA ARG A 45 12.81 -17.49 -26.83
C ARG A 45 12.64 -16.17 -26.09
N MET A 46 13.69 -15.43 -25.94
CA MET A 46 13.54 -14.05 -25.55
C MET A 46 12.84 -13.31 -26.73
N GLU A 47 11.76 -12.59 -26.44
CA GLU A 47 10.96 -11.96 -27.47
C GLU A 47 10.91 -10.45 -27.33
N PRO A 48 10.92 -9.75 -28.46
CA PRO A 48 10.77 -8.30 -28.45
C PRO A 48 9.32 -7.88 -28.14
N ARG A 49 9.17 -6.79 -27.38
CA ARG A 49 7.85 -6.15 -27.09
C ARG A 49 7.83 -4.63 -27.24
N ALA A 50 8.89 -4.07 -27.80
CA ALA A 50 8.95 -2.66 -28.22
C ALA A 50 9.47 -2.68 -29.62
N PRO A 51 8.99 -1.76 -30.49
CA PRO A 51 9.51 -1.67 -31.84
C PRO A 51 11.04 -1.42 -31.91
N TRP A 52 11.52 -0.49 -31.12
CA TRP A 52 12.94 -0.10 -31.16
C TRP A 52 13.94 -1.26 -30.87
N ILE A 53 13.59 -2.22 -30.03
CA ILE A 53 14.49 -3.33 -29.76
C ILE A 53 14.64 -4.31 -30.92
N GLN A 54 13.73 -4.31 -31.90
CA GLN A 54 13.82 -5.31 -32.96
C GLN A 54 14.92 -5.08 -33.94
N GLN A 55 15.41 -3.86 -34.01
CA GLN A 55 16.61 -3.62 -34.80
C GLN A 55 17.95 -4.11 -34.15
N GLU A 56 17.91 -4.82 -33.03
CA GLU A 56 19.04 -5.70 -32.60
C GLU A 56 19.12 -6.91 -33.53
N GLY A 57 20.34 -7.40 -33.76
CA GLY A 57 20.59 -8.58 -34.59
C GLY A 57 20.33 -9.91 -33.91
N GLN A 58 20.39 -10.99 -34.68
CA GLN A 58 20.19 -12.35 -34.21
C GLN A 58 21.06 -12.74 -33.01
N GLU A 59 22.33 -12.32 -32.98
CA GLU A 59 23.23 -12.72 -31.89
C GLU A 59 22.74 -12.15 -30.54
N TYR A 60 22.13 -10.97 -30.56
CA TYR A 60 21.47 -10.39 -29.37
C TYR A 60 20.31 -11.29 -28.88
N TRP A 61 19.45 -11.67 -29.80
CA TRP A 61 18.33 -12.56 -29.47
C TRP A 61 18.81 -13.95 -29.03
N ASP A 62 19.86 -14.45 -29.68
CA ASP A 62 20.45 -15.77 -29.36
C ASP A 62 21.01 -15.72 -27.98
N ARG A 63 21.82 -14.69 -27.70
CA ARG A 63 22.50 -14.59 -26.42
C ARG A 63 21.50 -14.41 -25.29
N ASN A 64 20.55 -13.51 -25.49
CA ASN A 64 19.57 -13.28 -24.44
C ASN A 64 18.76 -14.52 -24.19
N THR A 65 18.48 -15.27 -25.23
CA THR A 65 17.72 -16.50 -25.08
C THR A 65 18.52 -17.53 -24.31
N ARG A 66 19.81 -17.66 -24.61
CA ARG A 66 20.68 -18.57 -23.84
C ARG A 66 20.68 -18.21 -22.38
N ASN A 67 20.84 -16.94 -22.08
CA ASN A 67 21.01 -16.50 -20.71
C ASN A 67 19.74 -16.52 -19.89
N VAL A 68 18.60 -16.21 -20.49
CA VAL A 68 17.36 -16.29 -19.72
C VAL A 68 16.89 -17.75 -19.58
N MET A 69 17.17 -18.60 -20.56
CA MET A 69 16.92 -20.02 -20.35
C MET A 69 17.82 -20.60 -19.27
N GLY A 70 19.09 -20.20 -19.22
CA GLY A 70 19.97 -20.63 -18.15
C GLY A 70 19.41 -20.31 -16.80
N SER A 71 18.94 -19.07 -16.66
CA SER A 71 18.35 -18.58 -15.45
C SER A 71 17.04 -19.26 -15.06
N ALA A 72 16.20 -19.54 -16.03
CA ALA A 72 14.94 -20.30 -15.84
C ALA A 72 15.26 -21.68 -15.23
N GLN A 73 16.19 -22.41 -15.83
CA GLN A 73 16.64 -23.70 -15.24
C GLN A 73 17.07 -23.61 -13.76
N ILE A 74 17.86 -22.59 -13.44
CA ILE A 74 18.37 -22.42 -12.07
C ILE A 74 17.26 -21.99 -11.13
N ASN A 75 16.39 -21.11 -11.61
CA ASN A 75 15.22 -20.77 -10.83
C ASN A 75 14.22 -21.96 -10.65
N ARG A 76 14.13 -22.87 -11.61
CA ARG A 76 13.42 -24.17 -11.47
C ARG A 76 14.00 -24.86 -10.23
N VAL A 77 15.32 -25.08 -10.24
CA VAL A 77 16.08 -25.61 -9.10
C VAL A 77 15.86 -24.84 -7.79
N ASN A 78 15.91 -23.51 -7.78
CA ASN A 78 15.77 -22.72 -6.54
C ASN A 78 14.46 -22.96 -5.82
N LEU A 79 13.40 -23.07 -6.59
CA LEU A 79 12.11 -23.36 -6.02
C LEU A 79 12.16 -24.67 -5.18
N LYS A 80 12.82 -25.69 -5.73
CA LYS A 80 12.95 -26.96 -5.03
C LYS A 80 13.83 -26.81 -3.79
N THR A 81 14.93 -26.08 -3.92
CA THR A 81 15.81 -25.80 -2.82
C THR A 81 15.13 -25.05 -1.72
N LEU A 82 14.40 -23.97 -2.04
CA LEU A 82 13.68 -23.26 -0.99
C LEU A 82 12.67 -24.11 -0.23
N ARG A 83 12.03 -25.09 -0.87
CA ARG A 83 11.09 -25.97 -0.16
C ARG A 83 11.73 -26.75 0.93
N GLY A 84 12.87 -27.33 0.59
CA GLY A 84 13.75 -27.95 1.54
C GLY A 84 14.07 -27.07 2.71
N TYR A 85 14.59 -25.86 2.46
CA TYR A 85 14.95 -24.95 3.58
C TYR A 85 13.76 -24.65 4.50
N TYR A 86 12.59 -24.46 3.92
CA TYR A 86 11.39 -24.16 4.68
C TYR A 86 10.62 -25.36 5.09
N ASN A 87 11.03 -26.52 4.63
CA ASN A 87 10.43 -27.80 5.05
C ASN A 87 9.01 -27.95 4.53
N GLN A 88 8.76 -27.41 3.35
CA GLN A 88 7.42 -27.35 2.84
C GLN A 88 7.04 -28.59 2.07
N SER A 89 5.74 -28.84 2.04
CA SER A 89 5.15 -29.96 1.32
C SER A 89 5.44 -29.84 -0.18
N GLU A 90 5.34 -30.97 -0.85
CA GLU A 90 5.44 -31.00 -2.29
C GLU A 90 4.13 -30.61 -3.00
N ALA A 91 3.04 -30.47 -2.24
CA ALA A 91 1.68 -30.26 -2.78
C ALA A 91 1.32 -28.79 -2.98
N GLY A 92 2.05 -27.90 -2.33
CA GLY A 92 1.79 -26.46 -2.47
C GLY A 92 2.53 -25.85 -3.64
N SER A 93 1.85 -24.90 -4.27
CA SER A 93 2.41 -24.08 -5.31
C SER A 93 3.14 -22.96 -4.65
N HIS A 94 4.36 -22.64 -5.08
CA HIS A 94 5.13 -21.53 -4.50
C HIS A 94 5.64 -20.58 -5.57
N THR A 95 5.95 -19.36 -5.14
CA THR A 95 6.37 -18.32 -6.05
C THR A 95 7.73 -17.79 -5.68
N LEU A 96 8.67 -17.77 -6.64
CA LEU A 96 9.99 -17.08 -6.45
C LEU A 96 10.14 -15.94 -7.44
N GLN A 97 10.22 -14.71 -6.93
CA GLN A 97 10.36 -13.50 -7.78
C GLN A 97 11.82 -12.97 -7.68
N TRP A 98 12.33 -12.49 -8.79
CA TRP A 98 13.68 -11.93 -8.89
C TRP A 98 13.64 -10.67 -9.69
N MET A 99 14.08 -9.59 -9.08
N MET A 99 14.08 -9.58 -9.09
CA MET A 99 14.21 -8.30 -9.76
CA MET A 99 14.21 -8.29 -9.78
C MET A 99 15.70 -7.85 -9.72
C MET A 99 15.70 -7.85 -9.72
N TYR A 100 16.25 -7.49 -10.85
CA TYR A 100 17.54 -6.80 -10.83
C TYR A 100 17.56 -5.67 -11.81
N GLY A 101 18.51 -4.79 -11.62
CA GLY A 101 18.73 -3.70 -12.58
C GLY A 101 19.49 -2.51 -12.06
N CYS A 102 19.52 -1.47 -12.92
CA CYS A 102 20.34 -0.31 -12.67
C CYS A 102 19.60 0.97 -12.89
N TYR A 103 19.95 1.93 -12.05
CA TYR A 103 19.36 3.25 -12.01
C TYR A 103 20.45 4.29 -12.24
N LEU A 104 20.23 5.13 -13.24
CA LEU A 104 21.16 6.21 -13.66
C LEU A 104 20.65 7.48 -13.04
N GLY A 105 21.49 8.19 -12.34
CA GLY A 105 21.11 9.48 -11.74
C GLY A 105 20.83 10.64 -12.68
N PRO A 106 20.49 11.82 -12.11
CA PRO A 106 20.15 12.99 -12.99
C PRO A 106 21.27 13.39 -14.01
N ASP A 107 22.52 13.10 -13.64
CA ASP A 107 23.72 13.24 -14.47
C ASP A 107 23.99 12.09 -15.47
N GLY A 108 23.15 11.05 -15.46
CA GLY A 108 23.34 9.85 -16.28
C GLY A 108 24.46 8.90 -15.85
N LEU A 109 24.99 9.03 -14.63
CA LEU A 109 25.97 8.07 -14.09
C LEU A 109 25.23 7.05 -13.22
N LEU A 110 25.75 5.83 -13.07
CA LEU A 110 25.13 4.81 -12.21
C LEU A 110 24.92 5.27 -10.75
N LEU A 111 23.69 5.30 -10.28
CA LEU A 111 23.36 5.80 -8.97
C LEU A 111 23.04 4.65 -8.01
N ARG A 112 22.20 3.71 -8.47
CA ARG A 112 21.93 2.49 -7.72
C ARG A 112 21.82 1.24 -8.55
N GLY A 113 22.20 0.14 -7.94
CA GLY A 113 22.03 -1.20 -8.53
C GLY A 113 21.23 -2.06 -7.57
N TYR A 114 20.53 -3.06 -8.09
CA TYR A 114 19.63 -3.90 -7.33
C TYR A 114 19.75 -5.30 -7.83
N ASP A 115 19.65 -6.23 -6.89
CA ASP A 115 19.47 -7.64 -7.23
C ASP A 115 18.82 -8.27 -6.05
N GLN A 116 17.57 -8.66 -6.20
CA GLN A 116 16.88 -9.22 -5.04
C GLN A 116 15.77 -10.18 -5.37
N PHE A 117 15.33 -10.88 -4.33
CA PHE A 117 14.46 -12.08 -4.42
C PHE A 117 13.39 -12.00 -3.39
N ALA A 118 12.19 -12.44 -3.79
CA ALA A 118 11.07 -12.59 -2.88
C ALA A 118 10.53 -14.04 -3.01
N TYR A 119 10.28 -14.67 -1.88
CA TYR A 119 9.66 -16.01 -1.85
C TYR A 119 8.27 -15.87 -1.22
N ASP A 120 7.31 -16.43 -1.95
CA ASP A 120 5.89 -16.35 -1.62
C ASP A 120 5.50 -14.98 -1.14
N GLY A 121 5.93 -13.96 -1.91
CA GLY A 121 5.50 -12.61 -1.68
C GLY A 121 6.33 -11.82 -0.69
N ALA A 122 7.30 -12.44 -0.04
CA ALA A 122 8.04 -11.85 1.07
C ALA A 122 9.51 -11.80 0.72
N ASP A 123 10.10 -10.68 1.06
CA ASP A 123 11.53 -10.43 0.84
C ASP A 123 12.30 -11.60 1.31
N TYR A 124 13.23 -12.07 0.51
CA TYR A 124 14.05 -13.19 0.87
C TYR A 124 15.51 -12.80 0.95
N LEU A 125 16.09 -12.42 -0.18
CA LEU A 125 17.50 -12.04 -0.21
C LEU A 125 17.72 -10.81 -1.12
N ALA A 126 18.52 -9.84 -0.66
CA ALA A 126 18.74 -8.58 -1.38
C ALA A 126 20.21 -8.19 -1.35
N LEU A 127 20.77 -7.89 -2.52
CA LEU A 127 22.04 -7.26 -2.63
C LEU A 127 21.99 -5.86 -1.96
N ASN A 128 22.92 -5.57 -1.04
CA ASN A 128 22.95 -4.27 -0.37
C ASN A 128 23.33 -3.12 -1.33
N GLU A 129 23.05 -1.87 -0.99
CA GLU A 129 23.41 -0.75 -1.93
C GLU A 129 24.91 -0.59 -2.19
N ASP A 130 25.76 -0.97 -1.24
CA ASP A 130 27.22 -1.03 -1.47
C ASP A 130 27.57 -1.94 -2.64
N LEU A 131 26.71 -2.94 -2.91
CA LEU A 131 26.91 -3.97 -3.93
C LEU A 131 28.10 -4.87 -3.54
N ARG A 132 28.29 -5.03 -2.24
CA ARG A 132 29.39 -5.79 -1.66
C ARG A 132 28.94 -6.86 -0.69
N SER A 133 27.65 -6.90 -0.38
CA SER A 133 27.15 -7.79 0.64
C SER A 133 25.66 -8.02 0.45
N TRP A 134 25.08 -8.92 1.24
CA TRP A 134 23.69 -9.34 1.04
C TRP A 134 22.90 -9.23 2.31
N THR A 135 21.64 -8.82 2.22
CA THR A 135 20.72 -8.91 3.39
C THR A 135 19.79 -10.09 3.23
N ALA A 136 19.64 -10.86 4.31
CA ALA A 136 18.78 -12.03 4.37
C ALA A 136 17.64 -11.77 5.31
N ALA A 137 16.42 -12.12 4.86
CA ALA A 137 15.20 -11.91 5.67
C ALA A 137 15.05 -12.87 6.88
N ASP A 138 15.48 -14.12 6.74
CA ASP A 138 15.26 -15.13 7.77
C ASP A 138 16.37 -16.20 7.78
N MET A 139 16.26 -17.21 8.64
CA MET A 139 17.27 -18.28 8.70
C MET A 139 17.44 -19.02 7.37
N ALA A 140 16.38 -19.15 6.57
CA ALA A 140 16.52 -19.82 5.26
C ALA A 140 17.47 -19.06 4.32
N ALA A 141 17.19 -17.77 4.20
CA ALA A 141 17.92 -16.84 3.36
C ALA A 141 19.37 -16.62 3.85
N GLN A 142 19.59 -16.80 5.17
CA GLN A 142 20.92 -16.86 5.71
C GLN A 142 21.76 -17.98 5.06
N ILE A 143 21.10 -19.11 4.69
CA ILE A 143 21.75 -20.23 4.05
C ILE A 143 22.19 -19.83 2.65
N SER A 144 21.30 -19.21 1.89
CA SER A 144 21.67 -18.65 0.58
C SER A 144 22.78 -17.56 0.69
N LYS A 145 22.65 -16.72 1.71
CA LYS A 145 23.52 -15.62 1.97
C LYS A 145 24.94 -16.13 2.21
N ARG A 146 25.10 -17.02 3.18
CA ARG A 146 26.39 -17.64 3.45
C ARG A 146 27.01 -18.21 2.19
N LYS A 147 26.21 -18.96 1.43
N LYS A 147 26.21 -18.95 1.42
CA LYS A 147 26.66 -19.58 0.19
CA LYS A 147 26.66 -19.56 0.20
C LYS A 147 27.15 -18.52 -0.85
C LYS A 147 27.15 -18.51 -0.84
N TRP A 148 26.42 -17.40 -0.97
CA TRP A 148 26.75 -16.36 -1.96
C TRP A 148 27.89 -15.41 -1.49
N GLU A 149 28.00 -15.28 -0.17
CA GLU A 149 29.07 -14.52 0.40
C GLU A 149 30.41 -15.16 0.20
N ALA A 150 30.45 -16.48 0.33
CA ALA A 150 31.67 -17.28 0.18
C ALA A 150 32.08 -17.49 -1.28
N ALA A 151 31.11 -17.49 -2.18
CA ALA A 151 31.35 -17.55 -3.62
C ALA A 151 31.62 -16.15 -4.25
N ASP A 152 31.52 -15.07 -3.46
CA ASP A 152 31.57 -13.69 -3.95
C ASP A 152 30.70 -13.50 -5.20
N ALA A 153 29.44 -13.90 -5.10
CA ALA A 153 28.45 -13.51 -6.11
C ALA A 153 28.28 -11.99 -6.25
N ALA A 154 28.56 -11.22 -5.21
CA ALA A 154 28.40 -9.76 -5.24
C ALA A 154 29.31 -9.12 -6.26
N GLU A 155 30.53 -9.63 -6.39
CA GLU A 155 31.46 -9.09 -7.35
C GLU A 155 30.98 -9.24 -8.79
N HIS A 156 30.52 -10.44 -9.14
CA HIS A 156 29.95 -10.67 -10.47
C HIS A 156 28.73 -9.73 -10.70
N TRP A 157 27.91 -9.53 -9.68
CA TRP A 157 26.77 -8.60 -9.79
C TRP A 157 27.18 -7.17 -9.91
N ARG A 158 28.19 -6.77 -9.16
CA ARG A 158 28.74 -5.42 -9.21
C ARG A 158 29.35 -5.16 -10.58
N SER A 159 30.06 -6.14 -11.15
CA SER A 159 30.57 -5.97 -12.49
C SER A 159 29.41 -5.81 -13.52
N TYR A 160 28.40 -6.67 -13.44
CA TYR A 160 27.28 -6.58 -14.36
C TYR A 160 26.57 -5.25 -14.23
N LEU A 161 26.24 -4.83 -13.02
CA LEU A 161 25.41 -3.64 -12.81
C LEU A 161 26.12 -2.37 -13.16
N GLN A 162 27.42 -2.30 -12.93
CA GLN A 162 28.20 -1.12 -13.27
C GLN A 162 28.64 -1.08 -14.70
N GLY A 163 28.74 -2.24 -15.37
CA GLY A 163 29.27 -2.36 -16.74
C GLY A 163 28.12 -2.54 -17.69
N THR A 164 27.76 -3.77 -17.95
CA THR A 164 26.84 -4.13 -19.01
C THR A 164 25.43 -3.52 -18.86
N CYS A 165 24.91 -3.56 -17.63
CA CYS A 165 23.63 -2.95 -17.33
C CYS A 165 23.56 -1.46 -17.78
N VAL A 166 24.49 -0.64 -17.30
CA VAL A 166 24.50 0.77 -17.71
C VAL A 166 24.77 0.95 -19.20
N GLU A 167 25.68 0.17 -19.81
CA GLU A 167 25.99 0.32 -21.22
C GLU A 167 24.75 -0.01 -22.06
N SER A 168 24.10 -1.14 -21.74
CA SER A 168 22.88 -1.57 -22.38
C SER A 168 21.80 -0.55 -22.30
N LEU A 169 21.55 -0.04 -21.10
CA LEU A 169 20.61 1.03 -20.86
C LEU A 169 20.87 2.21 -21.78
N ARG A 170 22.12 2.67 -21.85
CA ARG A 170 22.48 3.77 -22.74
C ARG A 170 22.25 3.45 -24.23
N ARG A 171 22.51 2.21 -24.68
CA ARG A 171 22.24 1.82 -26.09
C ARG A 171 20.71 1.85 -26.28
N TYR A 172 19.93 1.44 -25.29
CA TYR A 172 18.47 1.37 -25.45
C TYR A 172 17.85 2.74 -25.45
N LEU A 173 18.33 3.60 -24.58
CA LEU A 173 17.90 4.99 -24.53
C LEU A 173 18.09 5.74 -25.84
N GLN A 174 19.13 5.36 -26.56
CA GLN A 174 19.50 5.88 -27.87
C GLN A 174 18.70 5.21 -28.98
N MET A 175 18.58 3.88 -28.97
CA MET A 175 17.83 3.16 -30.00
C MET A 175 16.34 3.59 -29.99
N GLY A 176 15.80 3.77 -28.78
CA GLY A 176 14.42 4.20 -28.55
C GLY A 176 14.23 5.66 -28.23
N LYS A 177 15.16 6.52 -28.66
CA LYS A 177 15.14 7.96 -28.31
C LYS A 177 13.78 8.63 -28.48
N ASP A 178 13.11 8.40 -29.60
CA ASP A 178 11.90 9.16 -29.93
C ASP A 178 10.73 9.02 -28.91
N THR A 179 10.62 7.84 -28.29
CA THR A 179 9.63 7.52 -27.27
C THR A 179 10.18 7.55 -25.81
N LEU A 180 11.36 6.98 -25.57
CA LEU A 180 11.92 6.87 -24.20
C LEU A 180 12.40 8.19 -23.65
N GLN A 181 12.81 9.12 -24.50
CA GLN A 181 13.54 10.29 -23.99
C GLN A 181 12.76 11.59 -23.93
N ARG A 182 11.53 11.59 -24.41
CA ARG A 182 10.65 12.73 -24.29
C ARG A 182 9.50 12.38 -23.36
N ALA A 183 9.18 13.36 -22.52
CA ALA A 183 8.13 13.25 -21.55
C ALA A 183 6.90 13.93 -22.18
N GLU A 184 5.72 13.33 -21.96
CA GLU A 184 4.45 13.86 -22.38
C GLU A 184 3.72 14.38 -21.13
N PRO A 185 3.43 15.70 -21.05
CA PRO A 185 2.77 16.22 -19.84
C PRO A 185 1.33 15.74 -19.73
N PRO A 186 0.73 15.83 -18.55
CA PRO A 186 -0.68 15.40 -18.46
C PRO A 186 -1.64 16.39 -19.08
N LYS A 187 -2.71 15.87 -19.68
CA LYS A 187 -3.90 16.67 -19.97
C LYS A 187 -4.71 16.55 -18.72
N THR A 188 -5.18 17.68 -18.21
CA THR A 188 -5.88 17.69 -16.90
C THR A 188 -7.28 18.21 -17.03
N HIS A 189 -8.12 17.81 -16.08
CA HIS A 189 -9.38 18.54 -15.78
C HIS A 189 -9.84 18.32 -14.38
N VAL A 190 -10.71 19.19 -13.92
CA VAL A 190 -11.30 19.07 -12.59
C VAL A 190 -12.83 18.89 -12.72
N THR A 191 -13.37 17.83 -12.11
CA THR A 191 -14.82 17.58 -12.10
C THR A 191 -15.40 17.85 -10.75
N ARG A 192 -16.70 18.13 -10.77
CA ARG A 192 -17.47 18.35 -9.57
C ARG A 192 -18.72 17.51 -9.65
N HIS A 193 -18.93 16.66 -8.64
CA HIS A 193 -20.19 15.87 -8.45
C HIS A 193 -20.67 16.00 -7.00
N PRO A 194 -21.81 16.64 -6.77
CA PRO A 194 -22.50 16.51 -5.49
C PRO A 194 -22.66 15.06 -5.16
N SER A 195 -22.17 14.70 -4.00
CA SER A 195 -22.02 13.29 -3.62
C SER A 195 -22.88 12.96 -2.43
N SER A 196 -23.22 13.98 -1.64
CA SER A 196 -24.30 13.90 -0.69
C SER A 196 -24.99 15.25 -0.60
N ASP A 197 -26.02 15.39 0.26
CA ASP A 197 -26.58 16.73 0.57
C ASP A 197 -25.55 17.65 1.26
N LEU A 198 -24.60 17.02 1.91
CA LEU A 198 -23.72 17.63 2.86
C LEU A 198 -22.41 18.02 2.23
N GLY A 199 -22.06 17.38 1.12
CA GLY A 199 -20.69 17.41 0.60
C GLY A 199 -20.65 17.30 -0.92
N VAL A 200 -19.55 17.77 -1.50
CA VAL A 200 -19.36 17.83 -2.91
C VAL A 200 -17.98 17.21 -3.19
N THR A 201 -17.92 16.36 -4.20
CA THR A 201 -16.67 15.71 -4.54
C THR A 201 -16.02 16.43 -5.70
N LEU A 202 -14.79 16.84 -5.49
CA LEU A 202 -13.98 17.44 -6.53
C LEU A 202 -13.01 16.42 -6.96
N ARG A 203 -12.88 16.17 -8.26
CA ARG A 203 -11.90 15.17 -8.76
C ARG A 203 -10.96 15.82 -9.79
N CYS A 204 -9.68 15.74 -9.47
CA CYS A 204 -8.59 16.29 -10.31
C CYS A 204 -8.06 15.18 -11.15
N TRP A 205 -8.16 15.29 -12.47
CA TRP A 205 -7.74 14.23 -13.36
C TRP A 205 -6.41 14.51 -14.08
N ALA A 206 -5.56 13.49 -14.25
CA ALA A 206 -4.43 13.51 -15.18
C ALA A 206 -4.47 12.38 -16.15
N LEU A 207 -4.37 12.68 -17.44
CA LEU A 207 -4.50 11.72 -18.53
C LEU A 207 -3.39 11.97 -19.57
N GLY A 208 -2.93 10.87 -20.16
CA GLY A 208 -2.08 10.85 -21.29
C GLY A 208 -0.68 11.40 -21.02
N PHE A 209 -0.11 11.03 -19.88
CA PHE A 209 1.19 11.48 -19.48
C PHE A 209 2.15 10.30 -19.45
N HIS A 210 3.42 10.55 -19.80
N HIS A 210 3.41 10.55 -19.81
CA HIS A 210 4.51 9.59 -19.60
CA HIS A 210 4.51 9.61 -19.61
C HIS A 210 5.73 10.44 -19.22
C HIS A 210 5.74 10.44 -19.24
N PRO A 211 6.57 9.95 -18.32
CA PRO A 211 6.54 8.70 -17.60
C PRO A 211 5.53 8.74 -16.48
N LYS A 212 5.41 7.61 -15.75
CA LYS A 212 4.27 7.42 -14.83
C LYS A 212 4.32 8.20 -13.51
N GLU A 213 5.48 8.69 -13.12
CA GLU A 213 5.58 9.49 -11.90
C GLU A 213 4.89 10.80 -12.06
N ILE A 214 4.17 11.21 -11.03
CA ILE A 214 3.34 12.37 -11.09
C ILE A 214 2.83 12.63 -9.69
N SER A 215 2.73 13.91 -9.37
CA SER A 215 2.20 14.34 -8.12
C SER A 215 0.88 15.11 -8.32
N LEU A 216 -0.16 14.64 -7.69
CA LEU A 216 -1.49 15.26 -7.67
C LEU A 216 -1.82 15.48 -6.25
N THR A 217 -1.99 16.72 -5.83
CA THR A 217 -2.36 16.95 -4.47
C THR A 217 -3.35 18.09 -4.43
N TRP A 218 -4.22 18.03 -3.43
CA TRP A 218 -5.23 19.06 -3.25
C TRP A 218 -4.77 19.99 -2.12
N GLN A 219 -5.05 21.28 -2.27
CA GLN A 219 -4.67 22.33 -1.33
C GLN A 219 -5.87 23.26 -1.10
N ARG A 220 -6.02 23.68 0.14
CA ARG A 220 -6.91 24.76 0.53
C ARG A 220 -6.04 25.75 1.24
N GLU A 221 -6.04 26.99 0.78
CA GLU A 221 -5.34 28.09 1.46
C GLU A 221 -3.92 27.60 1.90
N GLY A 222 -3.15 27.07 0.96
CA GLY A 222 -1.79 26.65 1.27
C GLY A 222 -1.64 25.27 1.89
N GLN A 223 -2.44 24.93 2.91
CA GLN A 223 -2.31 23.63 3.63
C GLN A 223 -2.74 22.43 2.71
N ASP A 224 -1.88 21.41 2.58
CA ASP A 224 -2.18 20.15 1.83
C ASP A 224 -3.40 19.36 2.43
N GLN A 225 -4.13 18.56 1.64
CA GLN A 225 -5.36 17.87 2.14
C GLN A 225 -5.32 16.34 2.07
N SER A 226 -4.14 15.75 2.14
CA SER A 226 -4.01 14.30 1.85
C SER A 226 -4.72 13.38 2.88
N GLN A 227 -5.01 13.90 4.09
CA GLN A 227 -5.77 13.15 5.12
C GLN A 227 -7.04 12.51 4.52
N ASP A 228 -7.83 13.31 3.81
CA ASP A 228 -9.15 12.89 3.32
C ASP A 228 -9.21 12.80 1.81
N MET A 229 -8.04 12.62 1.19
CA MET A 229 -7.93 12.48 -0.25
C MET A 229 -8.02 11.01 -0.60
N GLU A 230 -8.90 10.69 -1.54
CA GLU A 230 -8.86 9.41 -2.22
C GLU A 230 -7.99 9.60 -3.49
N LEU A 231 -7.00 8.74 -3.61
CA LEU A 231 -6.05 8.80 -4.69
C LEU A 231 -6.06 7.40 -5.33
N VAL A 232 -6.51 7.24 -6.56
CA VAL A 232 -6.33 5.92 -7.20
C VAL A 232 -4.89 5.69 -7.60
N GLU A 233 -4.60 4.40 -7.71
CA GLU A 233 -3.35 3.94 -8.26
C GLU A 233 -3.13 4.46 -9.66
N THR A 234 -1.94 4.92 -9.94
CA THR A 234 -1.63 5.26 -11.34
C THR A 234 -1.89 4.04 -12.22
N ARG A 235 -2.45 4.26 -13.38
CA ARG A 235 -2.88 3.12 -14.20
C ARG A 235 -2.48 3.29 -15.64
N PRO A 236 -2.19 2.21 -16.34
CA PRO A 236 -1.79 2.35 -17.74
C PRO A 236 -2.94 2.51 -18.74
N SER A 237 -2.75 3.38 -19.70
CA SER A 237 -3.70 3.60 -20.77
C SER A 237 -3.68 2.49 -21.83
N GLY A 238 -2.51 1.88 -22.02
CA GLY A 238 -2.30 0.81 -23.00
C GLY A 238 -1.49 1.24 -24.22
N ASP A 239 -1.17 2.52 -24.29
CA ASP A 239 -0.52 3.11 -25.44
C ASP A 239 0.74 3.83 -25.00
N GLY A 240 1.29 3.46 -23.84
CA GLY A 240 2.48 4.10 -23.27
C GLY A 240 2.22 5.21 -22.28
N THR A 241 1.00 5.68 -22.16
CA THR A 241 0.70 6.79 -21.26
C THR A 241 -0.03 6.28 -20.00
N PHE A 242 -0.21 7.15 -19.02
CA PHE A 242 -0.82 6.80 -17.79
C PHE A 242 -1.98 7.73 -17.46
N GLN A 243 -2.78 7.30 -16.49
CA GLN A 243 -3.87 8.06 -15.92
C GLN A 243 -3.80 7.99 -14.36
N LYS A 244 -4.29 9.05 -13.73
CA LYS A 244 -4.45 9.12 -12.29
C LYS A 244 -5.53 10.10 -11.97
N TRP A 245 -6.16 9.91 -10.84
CA TRP A 245 -7.02 10.96 -10.29
C TRP A 245 -6.90 10.99 -8.79
N ALA A 246 -7.21 12.17 -8.25
CA ALA A 246 -7.35 12.39 -6.83
C ALA A 246 -8.61 13.14 -6.54
N ALA A 247 -9.33 12.73 -5.52
CA ALA A 247 -10.58 13.33 -5.22
C ALA A 247 -10.66 13.71 -3.78
N LEU A 248 -11.48 14.68 -3.53
CA LEU A 248 -11.60 15.31 -2.25
C LEU A 248 -13.08 15.71 -2.09
N VAL A 249 -13.67 15.41 -0.94
CA VAL A 249 -14.98 15.95 -0.61
C VAL A 249 -14.89 17.19 0.25
N VAL A 250 -15.59 18.21 -0.22
CA VAL A 250 -15.46 19.60 0.14
C VAL A 250 -16.87 20.12 0.53
N PRO A 251 -16.98 21.15 1.42
CA PRO A 251 -18.33 21.68 1.66
C PRO A 251 -18.93 22.38 0.42
N PRO A 252 -20.26 22.25 0.20
CA PRO A 252 -20.86 22.99 -0.94
C PRO A 252 -20.66 24.49 -0.77
N GLY A 253 -20.39 25.18 -1.88
CA GLY A 253 -20.09 26.62 -1.83
C GLY A 253 -18.63 26.98 -1.58
N GLU A 254 -17.81 26.01 -1.18
CA GLU A 254 -16.40 26.27 -0.85
C GLU A 254 -15.51 25.75 -1.96
N GLU A 255 -16.05 25.46 -3.14
CA GLU A 255 -15.23 24.81 -4.15
C GLU A 255 -13.97 25.63 -4.54
N GLN A 256 -14.09 26.95 -4.78
CA GLN A 256 -12.91 27.79 -5.20
C GLN A 256 -11.77 27.95 -4.19
N SER A 257 -12.05 27.71 -2.92
CA SER A 257 -10.99 27.63 -1.95
C SER A 257 -9.94 26.54 -2.23
N TYR A 258 -10.31 25.53 -3.03
CA TYR A 258 -9.51 24.33 -3.24
C TYR A 258 -8.82 24.30 -4.59
N THR A 259 -7.53 23.96 -4.58
CA THR A 259 -6.79 23.82 -5.82
C THR A 259 -6.05 22.49 -5.86
N CYS A 260 -5.97 21.94 -7.05
CA CYS A 260 -5.24 20.75 -7.31
C CYS A 260 -3.88 21.11 -7.89
N HIS A 261 -2.83 20.54 -7.33
CA HIS A 261 -1.47 20.89 -7.73
C HIS A 261 -0.87 19.73 -8.45
N VAL A 262 -0.39 19.97 -9.67
CA VAL A 262 0.13 18.91 -10.52
C VAL A 262 1.62 19.16 -10.82
N GLN A 263 2.45 18.15 -10.53
CA GLN A 263 3.86 18.16 -10.87
C GLN A 263 4.20 16.96 -11.71
N HIS A 264 4.96 17.19 -12.76
CA HIS A 264 5.29 16.16 -13.71
C HIS A 264 6.46 16.63 -14.56
N GLU A 265 7.33 15.75 -14.98
CA GLU A 265 8.54 16.20 -15.68
C GLU A 265 8.25 16.85 -17.07
N GLY A 266 7.19 16.40 -17.74
CA GLY A 266 6.63 17.06 -18.93
C GLY A 266 6.22 18.51 -18.83
N LEU A 267 5.94 19.01 -17.62
CA LEU A 267 5.45 20.38 -17.46
C LEU A 267 6.61 21.36 -17.24
N GLN A 268 6.49 22.51 -17.90
CA GLN A 268 7.36 23.67 -17.68
C GLN A 268 7.34 24.24 -16.24
N GLU A 269 6.18 24.23 -15.61
CA GLU A 269 6.01 24.69 -14.23
C GLU A 269 4.85 23.92 -13.71
N PRO A 270 4.78 23.73 -12.39
CA PRO A 270 3.64 23.00 -11.86
C PRO A 270 2.33 23.73 -12.14
N LEU A 271 1.28 22.96 -12.33
CA LEU A 271 -0.05 23.52 -12.60
C LEU A 271 -0.78 23.74 -11.29
N THR A 272 -1.56 24.80 -11.23
CA THR A 272 -2.47 25.02 -10.16
C THR A 272 -3.84 24.98 -10.83
N LEU A 273 -4.59 23.91 -10.61
CA LEU A 273 -5.94 23.73 -11.21
C LEU A 273 -7.06 24.02 -10.23
N ARG A 274 -8.16 24.50 -10.78
N ARG A 274 -8.15 24.51 -10.78
CA ARG A 274 -9.30 24.97 -9.99
CA ARG A 274 -9.30 24.95 -9.98
C ARG A 274 -10.53 24.45 -10.71
C ARG A 274 -10.53 24.45 -10.71
N TRP A 275 -11.56 24.07 -9.97
CA TRP A 275 -12.85 23.77 -10.62
C TRP A 275 -13.40 25.05 -11.26
N ASP A 276 -13.84 24.94 -12.51
CA ASP A 276 -14.34 26.05 -13.33
C ASP A 276 -15.87 25.92 -13.65
N MET B 1 3.67 -17.26 3.58
CA MET B 1 2.67 -17.24 2.49
C MET B 1 1.92 -15.95 2.49
N ILE B 2 2.21 -15.03 1.59
CA ILE B 2 1.37 -13.85 1.42
C ILE B 2 0.31 -14.14 0.38
N GLN B 3 -0.91 -13.68 0.66
CA GLN B 3 -2.01 -13.63 -0.28
C GLN B 3 -2.69 -12.28 -0.27
N ARG B 4 -2.78 -11.66 -1.44
CA ARG B 4 -3.27 -10.29 -1.56
C ARG B 4 -4.26 -10.21 -2.69
N THR B 5 -5.47 -9.72 -2.40
CA THR B 5 -6.55 -9.66 -3.37
C THR B 5 -6.28 -8.52 -4.36
N PRO B 6 -6.67 -8.70 -5.62
CA PRO B 6 -6.48 -7.66 -6.63
C PRO B 6 -7.31 -6.45 -6.49
N LYS B 7 -6.66 -5.32 -6.71
CA LYS B 7 -7.33 -4.11 -7.00
C LYS B 7 -7.74 -4.17 -8.44
N ILE B 8 -8.94 -3.72 -8.74
CA ILE B 8 -9.45 -3.83 -10.09
C ILE B 8 -9.94 -2.47 -10.55
N GLN B 9 -9.42 -2.00 -11.68
CA GLN B 9 -9.86 -0.76 -12.27
C GLN B 9 -10.28 -1.02 -13.70
N VAL B 10 -11.51 -0.62 -14.04
CA VAL B 10 -12.04 -0.73 -15.37
C VAL B 10 -12.25 0.68 -15.90
N TYR B 11 -11.71 0.96 -17.08
CA TYR B 11 -11.72 2.32 -17.67
C TYR B 11 -11.40 2.24 -19.12
N SER B 12 -11.67 3.32 -19.86
CA SER B 12 -11.31 3.38 -21.28
C SER B 12 -9.97 4.09 -21.47
N ARG B 13 -9.31 3.78 -22.56
CA ARG B 13 -8.02 4.39 -22.87
C ARG B 13 -8.10 5.91 -23.09
N HIS B 14 -9.13 6.36 -23.78
CA HIS B 14 -9.47 7.75 -24.06
C HIS B 14 -10.86 8.07 -23.42
N PRO B 15 -11.10 9.33 -23.10
CA PRO B 15 -12.45 9.79 -22.70
C PRO B 15 -13.47 9.25 -23.72
N ALA B 16 -14.52 8.64 -23.17
CA ALA B 16 -15.42 7.83 -23.96
C ALA B 16 -16.34 8.75 -24.70
N GLU B 17 -16.43 8.58 -25.99
CA GLU B 17 -17.46 9.23 -26.78
C GLU B 17 -18.22 8.17 -27.57
N ASN B 18 -19.54 8.19 -27.44
CA ASN B 18 -20.37 7.23 -28.08
C ASN B 18 -20.15 7.26 -29.58
N GLY B 19 -20.09 6.07 -30.20
CA GLY B 19 -19.84 5.96 -31.64
C GLY B 19 -18.41 6.29 -32.08
N LYS B 20 -17.47 6.48 -31.15
CA LYS B 20 -16.06 6.66 -31.51
C LYS B 20 -15.25 5.48 -31.03
N SER B 21 -14.41 4.95 -31.89
CA SER B 21 -13.57 3.80 -31.54
C SER B 21 -12.62 4.04 -30.34
N ASN B 22 -12.43 3.06 -29.49
CA ASN B 22 -11.68 3.23 -28.20
C ASN B 22 -11.12 1.86 -27.71
N PHE B 23 -10.53 1.83 -26.51
CA PHE B 23 -10.09 0.60 -25.85
C PHE B 23 -10.64 0.53 -24.46
N LEU B 24 -11.17 -0.61 -24.11
CA LEU B 24 -11.55 -0.84 -22.77
C LEU B 24 -10.45 -1.66 -22.02
N ASN B 25 -10.17 -1.23 -20.80
CA ASN B 25 -9.07 -1.74 -20.02
C ASN B 25 -9.64 -2.26 -18.75
N CYS B 26 -9.07 -3.35 -18.28
CA CYS B 26 -9.28 -3.88 -16.92
C CYS B 26 -7.88 -4.10 -16.31
N TYR B 27 -7.55 -3.26 -15.35
CA TYR B 27 -6.26 -3.22 -14.78
C TYR B 27 -6.38 -3.86 -13.39
N VAL B 28 -5.66 -4.98 -13.25
CA VAL B 28 -5.61 -5.71 -12.00
C VAL B 28 -4.23 -5.61 -11.41
N SER B 29 -4.14 -5.21 -10.17
CA SER B 29 -2.85 -5.03 -9.51
C SER B 29 -2.91 -5.33 -8.03
N GLY B 30 -1.72 -5.34 -7.41
CA GLY B 30 -1.57 -5.46 -5.96
C GLY B 30 -1.90 -6.87 -5.47
N PHE B 31 -1.91 -7.84 -6.37
CA PHE B 31 -2.25 -9.20 -6.08
C PHE B 31 -1.05 -10.16 -5.90
N HIS B 32 -1.32 -11.26 -5.18
CA HIS B 32 -0.37 -12.31 -4.94
C HIS B 32 -1.09 -13.53 -4.36
N PRO B 33 -0.87 -14.72 -4.84
CA PRO B 33 0.01 -15.11 -5.91
C PRO B 33 -0.48 -14.77 -7.33
N SER B 34 0.30 -15.16 -8.33
CA SER B 34 0.09 -14.71 -9.69
C SER B 34 -1.06 -15.30 -10.50
N ASP B 35 -1.49 -16.55 -10.27
CA ASP B 35 -2.62 -17.15 -11.00
C ASP B 35 -3.86 -16.23 -10.92
N ILE B 36 -4.40 -15.79 -12.03
CA ILE B 36 -5.61 -14.95 -12.00
C ILE B 36 -6.42 -15.16 -13.27
N GLU B 37 -7.72 -15.00 -13.19
CA GLU B 37 -8.59 -15.16 -14.35
C GLU B 37 -9.39 -13.90 -14.50
N VAL B 38 -9.29 -13.29 -15.67
CA VAL B 38 -9.95 -12.03 -15.97
C VAL B 38 -10.70 -12.18 -17.29
N ASP B 39 -12.00 -11.87 -17.25
CA ASP B 39 -12.81 -11.77 -18.47
C ASP B 39 -13.35 -10.34 -18.60
N LEU B 40 -13.43 -9.87 -19.84
CA LEU B 40 -14.17 -8.67 -20.15
C LEU B 40 -15.58 -9.07 -20.61
N LEU B 41 -16.59 -8.41 -20.08
CA LEU B 41 -17.99 -8.72 -20.36
C LEU B 41 -18.70 -7.58 -21.04
N LYS B 42 -19.58 -7.92 -21.98
CA LYS B 42 -20.45 -6.94 -22.63
C LYS B 42 -21.90 -7.36 -22.45
N ASN B 43 -22.68 -6.57 -21.73
CA ASN B 43 -24.04 -6.95 -21.30
C ASN B 43 -24.02 -8.38 -20.70
N GLY B 44 -23.01 -8.70 -19.88
CA GLY B 44 -22.88 -10.04 -19.26
C GLY B 44 -22.30 -11.23 -20.05
N GLU B 45 -21.87 -10.98 -21.30
CA GLU B 45 -21.30 -12.00 -22.21
C GLU B 45 -19.78 -11.82 -22.31
N ARG B 46 -19.00 -12.86 -22.02
CA ARG B 46 -17.56 -12.91 -22.36
C ARG B 46 -17.32 -12.36 -23.79
N ILE B 47 -16.48 -11.34 -23.87
CA ILE B 47 -15.89 -10.89 -25.15
C ILE B 47 -14.73 -11.86 -25.51
N GLU B 48 -14.65 -12.32 -26.75
CA GLU B 48 -13.68 -13.34 -27.11
C GLU B 48 -12.27 -12.75 -27.20
N LYS B 49 -12.06 -11.70 -27.99
CA LYS B 49 -10.68 -11.32 -28.42
C LYS B 49 -10.09 -10.24 -27.48
N VAL B 50 -9.66 -10.68 -26.31
CA VAL B 50 -9.17 -9.79 -25.25
C VAL B 50 -7.69 -10.06 -25.16
N GLU B 51 -6.90 -9.02 -25.32
CA GLU B 51 -5.45 -9.22 -25.24
C GLU B 51 -5.07 -8.81 -23.81
N HIS B 52 -3.88 -9.25 -23.39
CA HIS B 52 -3.35 -8.85 -22.11
C HIS B 52 -1.82 -8.64 -22.11
N SER B 53 -1.40 -7.85 -21.16
CA SER B 53 0.01 -7.59 -20.94
C SER B 53 0.72 -8.83 -20.32
N ASP B 54 2.05 -8.80 -20.37
CA ASP B 54 2.85 -9.85 -19.77
C ASP B 54 2.90 -9.61 -18.32
N LEU B 55 2.95 -10.70 -17.56
CA LEU B 55 3.04 -10.60 -16.11
C LEU B 55 4.29 -9.86 -15.61
N SER B 56 4.05 -8.90 -14.75
CA SER B 56 5.09 -8.24 -14.03
C SER B 56 4.68 -7.91 -12.63
N PHE B 57 5.54 -7.24 -11.93
CA PHE B 57 5.25 -6.90 -10.58
C PHE B 57 5.98 -5.60 -10.17
N SER B 58 5.53 -5.04 -9.07
CA SER B 58 5.96 -3.78 -8.51
C SER B 58 7.02 -3.96 -7.45
N LYS B 59 7.55 -2.82 -7.04
CA LYS B 59 8.49 -2.70 -5.98
C LYS B 59 8.09 -3.48 -4.72
N ASP B 60 6.80 -3.61 -4.43
CA ASP B 60 6.39 -4.29 -3.22
C ASP B 60 6.16 -5.80 -3.50
N TRP B 61 6.63 -6.28 -4.63
CA TRP B 61 6.43 -7.67 -5.09
C TRP B 61 5.01 -8.05 -5.59
N SER B 62 4.07 -7.13 -5.54
CA SER B 62 2.72 -7.47 -5.94
C SER B 62 2.57 -7.38 -7.48
N PHE B 63 1.87 -8.33 -8.03
CA PHE B 63 1.68 -8.48 -9.45
C PHE B 63 0.69 -7.51 -10.04
N TYR B 64 0.78 -7.28 -11.34
CA TYR B 64 -0.19 -6.51 -12.07
C TYR B 64 -0.21 -6.99 -13.53
N LEU B 65 -1.39 -6.83 -14.14
CA LEU B 65 -1.66 -7.14 -15.54
C LEU B 65 -2.68 -6.16 -16.12
N LEU B 66 -2.63 -5.92 -17.41
CA LEU B 66 -3.63 -5.14 -18.11
C LEU B 66 -4.28 -6.03 -19.13
N TYR B 67 -5.60 -6.09 -19.02
CA TYR B 67 -6.41 -6.72 -20.01
C TYR B 67 -7.13 -5.67 -20.85
N TYR B 68 -7.23 -5.88 -22.13
CA TYR B 68 -7.90 -4.91 -22.96
C TYR B 68 -8.44 -5.44 -24.27
N THR B 69 -9.28 -4.63 -24.85
CA THR B 69 -10.01 -4.99 -26.05
C THR B 69 -10.46 -3.72 -26.69
N GLU B 70 -10.33 -3.67 -27.98
CA GLU B 70 -10.93 -2.61 -28.78
C GLU B 70 -12.46 -2.64 -28.62
N PHE B 71 -13.07 -1.46 -28.47
CA PHE B 71 -14.54 -1.32 -28.45
C PHE B 71 -15.02 0.04 -28.90
N THR B 72 -16.33 0.12 -29.10
CA THR B 72 -16.99 1.39 -29.36
C THR B 72 -18.08 1.63 -28.31
N PRO B 73 -17.86 2.60 -27.41
CA PRO B 73 -18.86 2.93 -26.41
C PRO B 73 -20.18 3.23 -27.04
N THR B 74 -21.27 2.79 -26.45
CA THR B 74 -22.59 3.30 -26.82
C THR B 74 -23.39 3.65 -25.59
N GLU B 75 -24.47 4.39 -25.78
CA GLU B 75 -25.36 4.75 -24.65
C GLU B 75 -25.91 3.50 -23.94
N LYS B 76 -26.34 2.51 -24.71
CA LYS B 76 -27.03 1.34 -24.14
C LYS B 76 -26.14 0.26 -23.48
N ASP B 77 -24.99 -0.03 -24.07
CA ASP B 77 -24.21 -1.23 -23.70
C ASP B 77 -23.50 -1.09 -22.34
N GLU B 78 -23.66 -2.10 -21.47
CA GLU B 78 -22.93 -2.18 -20.18
C GLU B 78 -21.67 -3.03 -20.35
N TYR B 79 -20.57 -2.52 -19.87
CA TYR B 79 -19.32 -3.27 -19.84
C TYR B 79 -18.84 -3.50 -18.42
N ALA B 80 -18.01 -4.53 -18.28
CA ALA B 80 -17.59 -5.04 -16.99
C ALA B 80 -16.37 -5.96 -17.09
N CYS B 81 -15.70 -6.07 -15.96
CA CYS B 81 -14.60 -6.95 -15.77
C CYS B 81 -14.94 -7.99 -14.73
N ARG B 82 -14.80 -9.27 -15.06
CA ARG B 82 -14.96 -10.35 -14.07
C ARG B 82 -13.59 -10.95 -13.74
N VAL B 83 -13.26 -11.02 -12.44
CA VAL B 83 -11.96 -11.40 -12.00
C VAL B 83 -12.04 -12.50 -10.97
N ASN B 84 -11.27 -13.56 -11.17
CA ASN B 84 -11.13 -14.58 -10.15
C ASN B 84 -9.67 -14.74 -9.77
N HIS B 85 -9.47 -15.01 -8.49
CA HIS B 85 -8.21 -15.16 -7.86
C HIS B 85 -8.43 -16.11 -6.67
N VAL B 86 -7.38 -16.71 -6.14
CA VAL B 86 -7.42 -17.56 -4.95
C VAL B 86 -8.03 -16.89 -3.71
N THR B 87 -7.78 -15.60 -3.55
CA THR B 87 -8.28 -14.80 -2.46
C THR B 87 -9.81 -14.62 -2.50
N LEU B 88 -10.42 -14.79 -3.66
CA LEU B 88 -11.85 -14.58 -3.81
C LEU B 88 -12.71 -15.84 -3.72
N SER B 89 -13.64 -15.87 -2.78
CA SER B 89 -14.62 -16.96 -2.68
C SER B 89 -15.50 -17.08 -3.93
N GLN B 90 -15.76 -15.97 -4.63
CA GLN B 90 -16.56 -15.97 -5.83
C GLN B 90 -15.97 -14.96 -6.83
N PRO B 91 -16.12 -15.20 -8.16
CA PRO B 91 -15.63 -14.20 -9.13
C PRO B 91 -16.22 -12.78 -8.89
N LYS B 92 -15.34 -11.77 -8.89
CA LYS B 92 -15.75 -10.38 -8.70
C LYS B 92 -15.98 -9.59 -10.00
N ILE B 93 -17.15 -8.96 -10.11
CA ILE B 93 -17.50 -8.18 -11.29
C ILE B 93 -17.46 -6.71 -10.92
N VAL B 94 -16.85 -5.91 -11.79
CA VAL B 94 -16.69 -4.47 -11.59
C VAL B 94 -17.17 -3.80 -12.87
N LYS B 95 -18.19 -2.99 -12.76
CA LYS B 95 -18.76 -2.37 -13.95
C LYS B 95 -17.89 -1.18 -14.40
N TRP B 96 -17.82 -0.94 -15.70
CA TRP B 96 -17.24 0.30 -16.20
C TRP B 96 -18.16 1.50 -15.94
N ASP B 97 -17.66 2.42 -15.11
CA ASP B 97 -18.22 3.75 -14.91
C ASP B 97 -17.45 4.73 -15.79
N ARG B 98 -18.11 5.24 -16.82
CA ARG B 98 -17.46 6.13 -17.77
C ARG B 98 -16.96 7.47 -17.25
N ASP B 99 -17.53 7.97 -16.16
CA ASP B 99 -16.99 9.15 -15.48
C ASP B 99 -15.79 8.85 -14.57
N MET B 100 -15.09 7.72 -14.75
CA MET B 100 -14.24 7.11 -13.66
C MET B 100 -13.08 6.12 -14.07
N ASP C 1 20.44 -6.26 -21.36
CA ASP C 1 21.07 -7.57 -21.73
C ASP C 1 20.93 -8.54 -20.55
N PHE C 2 20.12 -9.56 -20.73
CA PHE C 2 19.77 -10.41 -19.60
C PHE C 2 21.05 -11.04 -19.03
N GLU C 3 21.23 -10.97 -17.72
CA GLU C 3 22.30 -11.70 -16.98
C GLU C 3 21.99 -13.18 -16.76
N ARG C 4 22.87 -14.09 -17.14
CA ARG C 4 22.73 -15.52 -16.71
C ARG C 4 23.11 -15.78 -15.24
N GLU C 5 22.17 -16.14 -14.38
CA GLU C 5 22.51 -16.62 -13.03
C GLU C 5 23.56 -17.65 -13.20
N GLY C 6 24.74 -17.36 -12.67
CA GLY C 6 25.71 -18.38 -12.34
C GLY C 6 25.38 -19.13 -11.06
N TYR C 7 24.77 -18.47 -10.07
CA TYR C 7 24.59 -19.07 -8.76
C TYR C 7 23.14 -19.46 -8.53
N SER C 8 23.03 -20.46 -7.68
CA SER C 8 21.77 -21.01 -7.31
C SER C 8 21.66 -20.75 -5.87
N LEU C 9 20.43 -20.57 -5.42
CA LEU C 9 20.14 -20.19 -4.04
C LEU C 9 20.48 -21.30 -3.05
N MET D 1 -14.53 21.93 15.70
CA MET D 1 -14.31 23.06 14.72
C MET D 1 -13.97 22.55 13.26
N GLY D 2 -12.75 22.75 12.70
CA GLY D 2 -12.35 22.32 11.32
C GLY D 2 -12.37 20.82 10.97
N PRO D 3 -11.37 20.28 10.21
CA PRO D 3 -11.50 18.86 9.60
C PRO D 3 -11.61 17.57 10.48
N HIS D 4 -12.36 17.65 11.57
CA HIS D 4 -12.35 16.62 12.60
C HIS D 4 -13.24 15.41 12.28
N SER D 5 -12.98 14.34 13.05
CA SER D 5 -13.47 13.00 12.86
C SER D 5 -13.80 12.33 14.18
N LEU D 6 -14.90 11.59 14.23
CA LEU D 6 -15.14 10.60 15.26
C LEU D 6 -15.32 9.27 14.51
N SER D 7 -14.59 8.26 14.93
CA SER D 7 -14.57 6.97 14.26
C SER D 7 -14.48 5.83 15.23
N TYR D 8 -15.12 4.73 14.85
CA TYR D 8 -15.07 3.51 15.59
C TYR D 8 -14.61 2.38 14.63
N PHE D 9 -13.70 1.55 15.12
CA PHE D 9 -13.06 0.49 14.39
C PHE D 9 -13.18 -0.74 15.23
N SER D 10 -13.89 -1.71 14.66
CA SER D 10 -14.25 -2.97 15.29
C SER D 10 -13.79 -4.13 14.49
N THR D 11 -13.50 -5.18 15.20
CA THR D 11 -12.92 -6.38 14.66
C THR D 11 -13.54 -7.58 15.37
N ALA D 12 -14.14 -8.44 14.55
CA ALA D 12 -14.70 -9.71 15.01
C ALA D 12 -13.93 -10.85 14.38
N VAL D 13 -13.44 -11.75 15.20
CA VAL D 13 -12.66 -12.88 14.74
C VAL D 13 -13.31 -14.19 15.22
N SER D 14 -13.59 -15.10 14.33
CA SER D 14 -13.97 -16.45 14.71
C SER D 14 -12.73 -17.25 15.08
N ARG D 15 -12.90 -18.02 16.15
CA ARG D 15 -11.85 -18.85 16.70
C ARG D 15 -12.35 -20.27 16.88
N PRO D 16 -12.46 -21.02 15.78
CA PRO D 16 -12.78 -22.43 15.91
C PRO D 16 -11.87 -23.23 16.82
N ASP D 17 -10.56 -22.94 16.88
CA ASP D 17 -9.67 -23.57 17.88
C ASP D 17 -10.00 -23.34 19.39
N ARG D 18 -10.79 -22.32 19.71
N ARG D 18 -10.79 -22.30 19.69
CA ARG D 18 -11.28 -22.03 21.06
CA ARG D 18 -11.28 -21.96 21.04
C ARG D 18 -12.83 -22.10 21.19
C ARG D 18 -12.82 -22.12 21.21
N GLY D 19 -13.50 -22.56 20.14
CA GLY D 19 -14.93 -22.75 20.15
C GLY D 19 -15.74 -21.51 20.41
N ASP D 20 -15.30 -20.36 19.95
CA ASP D 20 -15.95 -19.10 20.24
C ASP D 20 -15.53 -18.02 19.20
N SER D 21 -15.72 -16.77 19.61
CA SER D 21 -15.34 -15.67 18.78
C SER D 21 -14.89 -14.51 19.72
N ARG D 22 -14.25 -13.52 19.13
CA ARG D 22 -13.74 -12.38 19.85
C ARG D 22 -14.14 -11.10 19.10
N PHE D 23 -14.47 -10.09 19.86
CA PHE D 23 -14.86 -8.82 19.32
C PHE D 23 -14.09 -7.73 20.01
N ILE D 24 -13.52 -6.80 19.25
CA ILE D 24 -12.73 -5.71 19.78
C ILE D 24 -13.20 -4.45 19.07
N ALA D 25 -13.33 -3.33 19.80
CA ALA D 25 -13.72 -2.09 19.24
C ALA D 25 -12.86 -0.97 19.85
N VAL D 26 -12.46 0.00 19.04
CA VAL D 26 -11.84 1.21 19.59
C VAL D 26 -12.47 2.41 18.92
N GLY D 27 -12.41 3.51 19.64
CA GLY D 27 -12.93 4.77 19.18
C GLY D 27 -11.87 5.85 19.21
N TYR D 28 -11.90 6.66 18.17
CA TYR D 28 -10.97 7.69 17.90
C TYR D 28 -11.69 9.00 17.67
N VAL D 29 -11.20 10.08 18.31
CA VAL D 29 -11.42 11.42 17.83
C VAL D 29 -10.12 11.81 17.18
N ASP D 30 -10.18 12.02 15.88
CA ASP D 30 -9.05 12.36 15.09
C ASP D 30 -8.04 11.23 15.22
N ASP D 31 -6.83 11.49 15.68
CA ASP D 31 -5.80 10.48 15.83
C ASP D 31 -5.70 9.94 17.31
N THR D 32 -6.66 10.28 18.15
CA THR D 32 -6.57 10.05 19.53
C THR D 32 -7.64 9.05 19.91
N GLN D 33 -7.16 7.89 20.34
CA GLN D 33 -8.02 6.88 20.87
C GLN D 33 -8.58 7.33 22.22
N PHE D 34 -9.86 7.09 22.40
CA PHE D 34 -10.53 7.45 23.67
C PHE D 34 -11.29 6.34 24.35
N VAL D 35 -11.66 5.28 23.67
CA VAL D 35 -12.26 4.17 24.34
C VAL D 35 -11.91 2.89 23.69
N ARG D 36 -12.10 1.83 24.45
CA ARG D 36 -11.99 0.50 23.97
C ARG D 36 -13.03 -0.46 24.56
N PHE D 37 -13.14 -1.57 23.86
CA PHE D 37 -13.89 -2.69 24.28
C PHE D 37 -13.22 -3.94 23.78
N ASP D 38 -13.15 -4.95 24.65
CA ASP D 38 -12.63 -6.29 24.28
C ASP D 38 -13.45 -7.35 25.00
N SER D 39 -14.08 -8.25 24.23
CA SER D 39 -14.91 -9.37 24.76
C SER D 39 -14.11 -10.41 25.53
N ASP D 40 -12.79 -10.44 25.38
CA ASP D 40 -11.92 -11.29 26.24
C ASP D 40 -11.52 -10.64 27.57
N ALA D 41 -11.85 -9.38 27.79
CA ALA D 41 -11.71 -8.76 29.10
C ALA D 41 -12.61 -9.52 30.10
N PRO D 42 -12.11 -9.83 31.33
CA PRO D 42 -12.93 -10.68 32.21
C PRO D 42 -14.25 -10.08 32.68
N ASN D 43 -14.44 -8.76 32.60
CA ASN D 43 -15.67 -8.08 32.98
C ASN D 43 -15.81 -7.04 31.85
N PRO D 44 -16.28 -7.47 30.65
CA PRO D 44 -16.09 -6.59 29.47
C PRO D 44 -17.01 -5.38 29.40
N ARG D 45 -16.39 -4.20 29.39
CA ARG D 45 -17.10 -2.92 29.48
C ARG D 45 -16.46 -2.02 28.43
N MET D 46 -17.18 -1.02 27.99
CA MET D 46 -16.53 0.05 27.28
C MET D 46 -15.57 0.77 28.26
N GLU D 47 -14.30 0.94 27.86
CA GLU D 47 -13.30 1.49 28.77
C GLU D 47 -12.69 2.78 28.25
N PRO D 48 -12.40 3.71 29.16
CA PRO D 48 -11.74 4.96 28.78
C PRO D 48 -10.24 4.76 28.46
N ARG D 49 -9.76 5.47 27.44
CA ARG D 49 -8.32 5.51 27.08
C ARG D 49 -7.73 6.89 26.83
N ALA D 50 -8.47 7.93 27.16
CA ALA D 50 -7.98 9.30 27.17
C ALA D 50 -8.39 9.88 28.51
N PRO D 51 -7.57 10.77 29.09
CA PRO D 51 -7.94 11.41 30.35
C PRO D 51 -9.27 12.21 30.26
N TRP D 52 -9.43 12.98 29.19
CA TRP D 52 -10.61 13.82 29.04
C TRP D 52 -11.97 13.07 29.02
N ILE D 53 -12.01 11.86 28.52
CA ILE D 53 -13.28 11.11 28.50
C ILE D 53 -13.73 10.63 29.88
N GLN D 54 -12.84 10.57 30.87
CA GLN D 54 -13.19 9.95 32.17
C GLN D 54 -14.15 10.75 32.99
N GLN D 55 -14.17 12.05 32.75
CA GLN D 55 -15.19 12.87 33.38
C GLN D 55 -16.64 12.69 32.83
N GLU D 56 -16.89 11.76 31.90
CA GLU D 56 -18.27 11.29 31.62
C GLU D 56 -18.76 10.44 32.78
N GLY D 57 -20.06 10.51 33.07
CA GLY D 57 -20.67 9.78 34.19
C GLY D 57 -21.07 8.36 33.83
N GLN D 58 -21.59 7.67 34.83
CA GLN D 58 -21.89 6.23 34.73
C GLN D 58 -22.87 5.87 33.60
N GLU D 59 -23.87 6.72 33.36
CA GLU D 59 -24.91 6.42 32.36
C GLU D 59 -24.29 6.39 30.93
N TYR D 60 -23.25 7.23 30.72
CA TYR D 60 -22.46 7.19 29.48
C TYR D 60 -21.76 5.85 29.30
N TRP D 61 -21.06 5.43 30.35
CA TRP D 61 -20.35 4.16 30.31
C TRP D 61 -21.33 2.97 30.21
N ASP D 62 -22.48 3.07 30.89
CA ASP D 62 -23.51 2.02 30.86
C ASP D 62 -24.04 1.91 29.46
N ARG D 63 -24.42 3.04 28.87
CA ARG D 63 -25.09 3.01 27.56
C ARG D 63 -24.08 2.52 26.51
N ASN D 64 -22.87 3.04 26.56
CA ASN D 64 -21.92 2.63 25.57
C ASN D 64 -21.61 1.17 25.67
N THR D 65 -21.58 0.66 26.90
CA THR D 65 -21.31 -0.77 27.13
C THR D 65 -22.44 -1.61 26.61
N ARG D 66 -23.68 -1.17 26.83
CA ARG D 66 -24.84 -1.92 26.29
C ARG D 66 -24.78 -1.97 24.79
N ASN D 67 -24.48 -0.86 24.14
CA ASN D 67 -24.54 -0.82 22.71
C ASN D 67 -23.39 -1.51 22.01
N VAL D 68 -22.19 -1.46 22.59
CA VAL D 68 -21.09 -2.21 21.98
C VAL D 68 -21.19 -3.73 22.26
N MET D 69 -21.74 -4.09 23.41
CA MET D 69 -22.09 -5.51 23.63
C MET D 69 -23.15 -6.02 22.67
N GLY D 70 -24.16 -5.21 22.42
CA GLY D 70 -25.18 -5.53 21.42
C GLY D 70 -24.58 -5.85 20.09
N SER D 71 -23.68 -4.97 19.68
CA SER D 71 -22.97 -5.07 18.41
C SER D 71 -22.05 -6.29 18.31
N ALA D 72 -21.33 -6.57 19.40
CA ALA D 72 -20.49 -7.77 19.51
C ALA D 72 -21.32 -9.04 19.26
N GLN D 73 -22.43 -9.19 19.96
CA GLN D 73 -23.34 -10.34 19.73
C GLN D 73 -23.76 -10.50 18.26
N ILE D 74 -24.14 -9.41 17.60
CA ILE D 74 -24.60 -9.46 16.21
C ILE D 74 -23.46 -9.76 15.27
N ASN D 75 -22.31 -9.15 15.55
CA ASN D 75 -21.10 -9.51 14.81
C ASN D 75 -20.65 -10.98 15.00
N ARG D 76 -20.82 -11.54 16.19
CA ARG D 76 -20.67 -12.99 16.46
C ARG D 76 -21.51 -13.76 15.44
N VAL D 77 -22.83 -13.46 15.42
CA VAL D 77 -23.77 -14.01 14.46
C VAL D 77 -23.34 -13.80 13.00
N ASN D 78 -22.93 -12.61 12.58
N ASN D 78 -23.00 -12.57 12.62
CA ASN D 78 -22.68 -12.43 11.15
CA ASN D 78 -22.55 -12.20 11.26
C ASN D 78 -21.44 -13.18 10.66
C ASN D 78 -21.44 -13.08 10.69
N LEU D 79 -20.47 -13.47 11.54
CA LEU D 79 -19.40 -14.36 11.16
C LEU D 79 -19.97 -15.75 10.72
N LYS D 80 -20.93 -16.25 11.47
CA LYS D 80 -21.59 -17.53 11.10
C LYS D 80 -22.38 -17.40 9.83
N THR D 81 -23.10 -16.29 9.68
CA THR D 81 -23.86 -16.02 8.48
C THR D 81 -22.99 -15.93 7.26
N LEU D 82 -21.90 -15.17 7.33
CA LEU D 82 -20.99 -15.11 6.16
C LEU D 82 -20.40 -16.48 5.75
N ARG D 83 -20.17 -17.39 6.69
CA ARG D 83 -19.69 -18.72 6.32
C ARG D 83 -20.59 -19.51 5.47
N GLY D 84 -21.87 -19.48 5.88
CA GLY D 84 -22.96 -19.96 5.11
C GLY D 84 -22.98 -19.41 3.72
N TYR D 85 -23.00 -18.09 3.56
CA TYR D 85 -23.04 -17.48 2.21
C TYR D 85 -21.89 -17.93 1.32
N TYR D 86 -20.69 -18.06 1.90
CA TYR D 86 -19.52 -18.47 1.15
C TYR D 86 -19.31 -19.94 1.14
N ASN D 87 -20.10 -20.68 1.90
CA ASN D 87 -20.06 -22.17 1.92
C ASN D 87 -18.74 -22.66 2.52
N GLN D 88 -18.23 -21.90 3.49
CA GLN D 88 -16.91 -22.16 4.02
C GLN D 88 -16.95 -23.19 5.12
N SER D 89 -15.79 -23.81 5.32
CA SER D 89 -15.58 -24.76 6.40
C SER D 89 -15.86 -24.14 7.79
N GLU D 90 -16.19 -24.99 8.73
CA GLU D 90 -16.34 -24.55 10.13
C GLU D 90 -14.97 -24.45 10.85
N ALA D 91 -13.91 -24.96 10.20
CA ALA D 91 -12.59 -25.14 10.81
C ALA D 91 -11.68 -23.95 10.59
N GLY D 92 -12.04 -23.07 9.67
CA GLY D 92 -11.29 -21.86 9.45
C GLY D 92 -11.65 -20.71 10.37
N SER D 93 -10.64 -19.96 10.79
CA SER D 93 -10.79 -18.71 11.46
C SER D 93 -11.07 -17.62 10.43
N HIS D 94 -12.06 -16.77 10.67
CA HIS D 94 -12.39 -15.66 9.75
C HIS D 94 -12.45 -14.33 10.45
N THR D 95 -12.35 -13.26 9.70
CA THR D 95 -12.25 -11.92 10.30
C THR D 95 -13.32 -11.03 9.69
N LEU D 96 -14.06 -10.32 10.54
CA LEU D 96 -15.00 -9.32 10.07
C LEU D 96 -14.66 -7.95 10.67
N GLN D 97 -14.30 -6.99 9.84
CA GLN D 97 -13.97 -5.63 10.27
C GLN D 97 -15.10 -4.65 9.91
N TRP D 98 -15.33 -3.70 10.80
CA TRP D 98 -16.39 -2.75 10.69
C TRP D 98 -15.87 -1.42 11.11
N MET D 99 -15.92 -0.46 10.21
CA MET D 99 -15.55 0.94 10.50
C MET D 99 -16.77 1.84 10.23
N TYR D 100 -17.11 2.68 11.17
CA TYR D 100 -18.03 3.75 10.88
C TYR D 100 -17.60 5.02 11.54
N GLY D 101 -18.14 6.13 11.06
CA GLY D 101 -17.79 7.42 11.61
C GLY D 101 -18.28 8.63 10.88
N CYS D 102 -18.00 9.80 11.49
CA CYS D 102 -18.40 11.07 10.93
C CYS D 102 -17.25 12.06 10.86
N TYR D 103 -17.27 12.82 9.78
CA TYR D 103 -16.29 13.83 9.47
C TYR D 103 -17.00 15.19 9.47
N LEU D 104 -16.47 16.11 10.28
CA LEU D 104 -16.91 17.49 10.33
C LEU D 104 -16.04 18.31 9.41
N GLY D 105 -16.62 19.05 8.49
CA GLY D 105 -15.79 19.85 7.56
C GLY D 105 -15.04 21.04 8.15
N PRO D 106 -14.23 21.74 7.36
CA PRO D 106 -13.53 22.96 7.89
C PRO D 106 -14.45 24.00 8.59
N ASP D 107 -15.72 24.05 8.19
CA ASP D 107 -16.80 24.84 8.83
C ASP D 107 -17.44 24.23 10.10
N GLY D 108 -17.01 23.02 10.49
CA GLY D 108 -17.63 22.28 11.58
C GLY D 108 -19.02 21.70 11.37
N LEU D 109 -19.48 21.59 10.12
CA LEU D 109 -20.79 20.94 9.85
C LEU D 109 -20.50 19.45 9.43
N LEU D 110 -21.46 18.52 9.55
CA LEU D 110 -21.27 17.16 8.94
C LEU D 110 -20.92 17.16 7.44
N LEU D 111 -19.75 16.67 7.08
CA LEU D 111 -19.29 16.63 5.70
C LEU D 111 -19.48 15.25 5.09
N ARG D 112 -19.14 14.21 5.83
CA ARG D 112 -19.47 12.86 5.41
C ARG D 112 -19.47 11.86 6.53
N GLY D 113 -20.25 10.82 6.29
CA GLY D 113 -20.31 9.69 7.15
C GLY D 113 -19.95 8.44 6.38
N TYR D 114 -19.61 7.41 7.12
CA TYR D 114 -19.27 6.14 6.50
C TYR D 114 -19.57 5.02 7.43
N ASP D 115 -19.87 3.89 6.79
CA ASP D 115 -20.21 2.68 7.52
C ASP D 115 -19.91 1.56 6.61
N GLN D 116 -18.87 0.81 6.94
CA GLN D 116 -18.49 -0.28 6.02
C GLN D 116 -17.81 -1.44 6.66
N PHE D 117 -17.73 -2.51 5.88
CA PHE D 117 -17.38 -3.86 6.36
C PHE D 117 -16.42 -4.50 5.45
N ALA D 118 -15.45 -5.19 6.03
CA ALA D 118 -14.53 -6.04 5.30
C ALA D 118 -14.57 -7.47 5.87
N TYR D 119 -14.61 -8.46 4.99
CA TYR D 119 -14.57 -9.88 5.35
C TYR D 119 -13.25 -10.45 4.82
N ASP D 120 -12.55 -11.09 5.72
CA ASP D 120 -11.23 -11.64 5.51
C ASP D 120 -10.34 -10.71 4.74
N GLY D 121 -10.35 -9.44 5.17
CA GLY D 121 -9.50 -8.42 4.61
C GLY D 121 -9.95 -7.79 3.31
N ALA D 122 -11.13 -8.16 2.79
CA ALA D 122 -11.64 -7.67 1.54
C ALA D 122 -12.95 -6.97 1.75
N ASP D 123 -13.10 -5.84 1.08
CA ASP D 123 -14.31 -5.02 1.13
C ASP D 123 -15.51 -5.93 0.92
N TYR D 124 -16.51 -5.76 1.76
CA TYR D 124 -17.69 -6.58 1.68
C TYR D 124 -18.91 -5.72 1.37
N LEU D 125 -19.26 -4.84 2.33
CA LEU D 125 -20.43 -4.00 2.17
C LEU D 125 -20.16 -2.57 2.69
N ALA D 126 -20.61 -1.55 1.95
CA ALA D 126 -20.32 -0.15 2.29
C ALA D 126 -21.53 0.72 2.07
N LEU D 127 -21.87 1.50 3.08
CA LEU D 127 -22.84 2.55 2.95
C LEU D 127 -22.27 3.60 1.98
N ASN D 128 -23.06 3.99 0.96
CA ASN D 128 -22.62 4.98 -0.02
C ASN D 128 -22.52 6.39 0.63
N GLU D 129 -21.85 7.34 -0.02
CA GLU D 129 -21.74 8.70 0.59
C GLU D 129 -23.06 9.44 0.75
N ASP D 130 -24.03 9.16 -0.12
CA ASP D 130 -25.40 9.71 0.02
C ASP D 130 -26.00 9.30 1.37
N LEU D 131 -25.57 8.14 1.92
CA LEU D 131 -26.12 7.55 3.13
C LEU D 131 -27.57 7.07 2.89
N ARG D 132 -27.83 6.68 1.66
CA ARG D 132 -29.16 6.25 1.20
C ARG D 132 -29.15 4.88 0.56
N SER D 133 -27.97 4.28 0.39
CA SER D 133 -27.86 3.06 -0.38
C SER D 133 -26.56 2.37 -0.05
N TRP D 134 -26.38 1.15 -0.57
CA TRP D 134 -25.26 0.31 -0.18
C TRP D 134 -24.52 -0.20 -1.39
N THR D 135 -23.19 -0.28 -1.31
CA THR D 135 -22.42 -1.03 -2.33
C THR D 135 -22.00 -2.38 -1.82
N ALA D 136 -22.17 -3.41 -2.65
CA ALA D 136 -21.81 -4.81 -2.30
C ALA D 136 -20.73 -5.31 -3.22
N ALA D 137 -19.75 -5.97 -2.64
CA ALA D 137 -18.60 -6.52 -3.38
C ALA D 137 -18.90 -7.73 -4.28
N ASP D 138 -19.76 -8.63 -3.83
CA ASP D 138 -20.02 -9.90 -4.55
C ASP D 138 -21.47 -10.39 -4.34
N MET D 139 -21.83 -11.54 -4.90
CA MET D 139 -23.16 -12.10 -4.69
C MET D 139 -23.52 -12.33 -3.22
N ALA D 140 -22.55 -12.63 -2.36
CA ALA D 140 -22.83 -12.82 -0.93
C ALA D 140 -23.35 -11.53 -0.29
N ALA D 141 -22.58 -10.47 -0.50
CA ALA D 141 -22.86 -9.14 0.03
C ALA D 141 -24.15 -8.53 -0.56
N GLN D 142 -24.49 -8.94 -1.78
CA GLN D 142 -25.78 -8.63 -2.34
C GLN D 142 -26.95 -9.15 -1.49
N ILE D 143 -26.73 -10.29 -0.81
CA ILE D 143 -27.74 -10.90 0.06
C ILE D 143 -27.91 -10.02 1.29
N SER D 144 -26.82 -9.59 1.91
CA SER D 144 -26.85 -8.59 2.99
C SER D 144 -27.49 -7.24 2.53
N LYS D 145 -27.13 -6.83 1.33
CA LYS D 145 -27.59 -5.61 0.73
C LYS D 145 -29.11 -5.62 0.56
N ARG D 146 -29.63 -6.63 -0.14
CA ARG D 146 -31.08 -6.80 -0.27
C ARG D 146 -31.77 -6.75 1.08
N LYS D 147 -31.23 -7.48 2.05
CA LYS D 147 -31.78 -7.54 3.39
C LYS D 147 -31.78 -6.16 4.06
N TRP D 148 -30.75 -5.36 3.88
CA TRP D 148 -30.64 -4.01 4.51
C TRP D 148 -31.43 -2.94 3.75
N GLU D 149 -31.59 -3.14 2.47
CA GLU D 149 -32.45 -2.30 1.65
C GLU D 149 -33.89 -2.36 2.08
N ALA D 150 -34.35 -3.58 2.32
CA ALA D 150 -35.73 -3.85 2.71
C ALA D 150 -36.04 -3.54 4.18
N ALA D 151 -35.01 -3.57 5.03
CA ALA D 151 -35.11 -3.14 6.43
C ALA D 151 -34.85 -1.65 6.62
N ASP D 152 -34.57 -0.92 5.55
CA ASP D 152 -34.09 0.48 5.59
C ASP D 152 -33.08 0.74 6.71
N ALA D 153 -32.03 -0.07 6.73
CA ALA D 153 -30.91 0.20 7.63
C ALA D 153 -30.22 1.57 7.35
N ALA D 154 -30.29 2.06 6.11
CA ALA D 154 -29.63 3.29 5.74
C ALA D 154 -30.19 4.48 6.49
N GLU D 155 -31.52 4.50 6.66
CA GLU D 155 -32.15 5.59 7.36
C GLU D 155 -31.68 5.70 8.82
N HIS D 156 -31.63 4.58 9.53
CA HIS D 156 -31.13 4.54 10.89
C HIS D 156 -29.66 5.04 10.91
N TRP D 157 -28.85 4.63 9.93
CA TRP D 157 -27.46 5.10 9.86
C TRP D 157 -27.33 6.58 9.57
N ARG D 158 -28.19 7.07 8.66
CA ARG D 158 -28.21 8.46 8.32
C ARG D 158 -28.65 9.31 9.52
N SER D 159 -29.63 8.84 10.28
CA SER D 159 -30.02 9.54 11.49
C SER D 159 -28.87 9.57 12.52
N TYR D 160 -28.24 8.42 12.74
CA TYR D 160 -27.13 8.33 13.69
C TYR D 160 -25.97 9.26 13.26
N LEU D 161 -25.56 9.20 12.00
CA LEU D 161 -24.37 9.92 11.56
C LEU D 161 -24.61 11.42 11.51
N GLN D 162 -25.80 11.87 11.20
CA GLN D 162 -26.10 13.28 11.15
C GLN D 162 -26.46 13.85 12.53
N GLY D 163 -26.88 13.00 13.48
CA GLY D 163 -27.37 13.44 14.76
C GLY D 163 -26.34 13.16 15.81
N THR D 164 -26.41 11.98 16.39
CA THR D 164 -25.65 11.74 17.61
C THR D 164 -24.13 11.68 17.38
N CYS D 165 -23.73 11.11 16.24
CA CYS D 165 -22.27 11.10 15.88
C CYS D 165 -21.66 12.54 15.89
N VAL D 166 -22.26 13.47 15.15
CA VAL D 166 -21.74 14.83 15.13
C VAL D 166 -21.87 15.53 16.48
N GLU D 167 -22.96 15.34 17.21
CA GLU D 167 -23.10 16.00 18.51
C GLU D 167 -22.03 15.48 19.49
N SER D 168 -21.85 14.15 19.51
CA SER D 168 -20.82 13.52 20.36
C SER D 168 -19.43 14.05 20.04
N LEU D 169 -19.10 14.10 18.75
CA LEU D 169 -17.86 14.65 18.29
C LEU D 169 -17.63 16.08 18.82
N ARG D 170 -18.64 16.93 18.67
CA ARG D 170 -18.58 18.30 19.20
C ARG D 170 -18.37 18.34 20.73
N ARG D 171 -19.03 17.46 21.51
CA ARG D 171 -18.82 17.44 22.96
C ARG D 171 -17.36 16.98 23.24
N TYR D 172 -16.85 16.03 22.48
CA TYR D 172 -15.51 15.49 22.75
C TYR D 172 -14.41 16.50 22.40
N LEU D 173 -14.61 17.18 21.29
CA LEU D 173 -13.68 18.22 20.88
C LEU D 173 -13.54 19.34 21.90
N GLN D 174 -14.64 19.61 22.62
CA GLN D 174 -14.70 20.57 23.70
C GLN D 174 -14.13 20.01 25.02
N MET D 175 -14.50 18.78 25.38
CA MET D 175 -14.02 18.15 26.61
C MET D 175 -12.47 18.01 26.60
N GLY D 176 -11.95 17.62 25.44
CA GLY D 176 -10.51 17.45 25.22
C GLY D 176 -9.80 18.61 24.52
N LYS D 177 -10.35 19.81 24.60
CA LYS D 177 -9.81 20.98 23.86
C LYS D 177 -8.28 21.17 23.91
N ASP D 178 -7.72 21.07 25.10
CA ASP D 178 -6.26 21.31 25.33
C ASP D 178 -5.29 20.52 24.45
N THR D 179 -5.64 19.26 24.20
CA THR D 179 -4.87 18.30 23.43
C THR D 179 -5.40 18.09 21.97
N LEU D 180 -6.72 17.97 21.80
CA LEU D 180 -7.29 17.64 20.47
C LEU D 180 -7.26 18.82 19.52
N GLN D 181 -7.27 20.05 20.05
CA GLN D 181 -7.49 21.20 19.18
C GLN D 181 -6.26 22.07 18.91
N ARG D 182 -5.13 21.70 19.49
CA ARG D 182 -3.83 22.29 19.16
C ARG D 182 -2.97 21.39 18.30
N ALA D 183 -2.31 21.94 17.30
CA ALA D 183 -1.36 21.22 16.50
C ALA D 183 0.06 21.50 17.06
N GLU D 184 0.91 20.47 17.09
CA GLU D 184 2.32 20.59 17.43
C GLU D 184 3.14 20.43 16.11
N PRO D 185 3.91 21.46 15.69
CA PRO D 185 4.69 21.33 14.45
C PRO D 185 5.81 20.34 14.59
N PRO D 186 6.34 19.82 13.47
CA PRO D 186 7.46 18.92 13.58
C PRO D 186 8.79 19.64 13.93
N LYS D 187 9.61 18.95 14.69
CA LYS D 187 11.04 19.29 14.79
C LYS D 187 11.66 18.53 13.64
N THR D 188 12.55 19.16 12.92
CA THR D 188 13.13 18.55 11.71
C THR D 188 14.64 18.48 11.79
N HIS D 189 15.21 17.56 11.03
CA HIS D 189 16.63 17.61 10.66
C HIS D 189 16.91 16.81 9.40
N VAL D 190 18.06 17.06 8.79
CA VAL D 190 18.47 16.30 7.62
C VAL D 190 19.77 15.56 7.92
N THR D 191 19.81 14.23 7.68
CA THR D 191 21.01 13.42 7.86
C THR D 191 21.60 13.01 6.55
N ARG D 192 22.88 12.70 6.61
CA ARG D 192 23.63 12.26 5.48
C ARG D 192 24.43 11.04 5.86
N HIS D 193 24.23 9.93 5.11
CA HIS D 193 25.03 8.69 5.22
C HIS D 193 25.49 8.24 3.83
N PRO D 194 26.83 8.25 3.59
CA PRO D 194 27.39 7.55 2.45
C PRO D 194 26.90 6.13 2.46
N SER D 195 26.31 5.74 1.35
CA SER D 195 25.60 4.46 1.31
C SER D 195 26.21 3.53 0.32
N SER D 196 26.86 4.09 -0.71
CA SER D 196 27.70 3.34 -1.62
C SER D 196 28.83 4.23 -2.11
N ASP D 197 29.71 3.72 -2.98
CA ASP D 197 30.70 4.59 -3.66
C ASP D 197 30.03 5.58 -4.63
N LEU D 198 28.84 5.20 -5.08
CA LEU D 198 28.14 5.87 -6.14
C LEU D 198 27.18 6.86 -5.64
N GLY D 199 26.76 6.73 -4.38
CA GLY D 199 25.59 7.43 -3.86
C GLY D 199 25.69 7.77 -2.40
N VAL D 200 24.93 8.78 -2.02
CA VAL D 200 24.83 9.29 -0.69
C VAL D 200 23.32 9.30 -0.34
N THR D 201 22.96 8.85 0.85
CA THR D 201 21.58 8.85 1.26
C THR D 201 21.32 10.06 2.14
N LEU D 202 20.37 10.87 1.73
CA LEU D 202 19.97 12.03 2.48
C LEU D 202 18.67 11.69 3.13
N ARG D 203 18.51 11.91 4.43
CA ARG D 203 17.26 11.60 5.11
C ARG D 203 16.69 12.82 5.83
N CYS D 204 15.46 13.16 5.47
CA CYS D 204 14.75 14.29 6.03
C CYS D 204 13.84 13.80 7.10
N TRP D 205 14.03 14.24 8.33
CA TRP D 205 13.26 13.76 9.45
C TRP D 205 12.18 14.76 9.93
N ALA D 206 11.00 14.23 10.34
CA ALA D 206 10.00 14.98 11.12
C ALA D 206 9.65 14.24 12.38
N LEU D 207 9.73 14.92 13.52
CA LEU D 207 9.53 14.31 14.84
C LEU D 207 8.69 15.23 15.69
N GLY D 208 7.88 14.57 16.53
CA GLY D 208 7.12 15.20 17.58
C GLY D 208 6.03 16.11 17.08
N PHE D 209 5.31 15.68 16.04
CA PHE D 209 4.26 16.48 15.48
C PHE D 209 2.92 15.79 15.71
N HIS D 210 1.86 16.59 15.90
N HIS D 210 1.84 16.57 15.88
CA HIS D 210 0.47 16.11 15.89
CA HIS D 210 0.49 16.06 15.83
C HIS D 210 -0.34 17.18 15.21
C HIS D 210 -0.32 17.16 15.20
N PRO D 211 -1.35 16.82 14.40
CA PRO D 211 -1.83 15.50 14.06
C PRO D 211 -0.95 14.82 13.07
N LYS D 212 -1.31 13.56 12.73
CA LYS D 212 -0.40 12.71 11.98
C LYS D 212 -0.15 13.05 10.52
N GLU D 213 -1.06 13.77 9.88
CA GLU D 213 -0.85 14.09 8.47
C GLU D 213 0.28 15.09 8.34
N ILE D 214 1.07 14.88 7.31
CA ILE D 214 2.26 15.68 7.08
C ILE D 214 2.75 15.33 5.70
N SER D 215 3.30 16.33 5.05
CA SER D 215 3.90 16.14 3.77
C SER D 215 5.45 16.36 3.83
N LEU D 216 6.18 15.37 3.40
CA LEU D 216 7.63 15.39 3.28
C LEU D 216 7.96 15.06 1.88
N THR D 217 8.59 15.96 1.16
CA THR D 217 8.95 15.64 -0.20
C THR D 217 10.31 16.24 -0.45
N TRP D 218 11.07 15.57 -1.29
CA TRP D 218 12.38 16.02 -1.68
C TRP D 218 12.22 16.64 -3.09
N GLN D 219 13.00 17.71 -3.32
CA GLN D 219 13.02 18.48 -4.55
C GLN D 219 14.45 18.74 -4.95
N ARG D 220 14.71 18.66 -6.26
CA ARG D 220 15.94 19.15 -6.87
C ARG D 220 15.47 20.12 -7.91
N GLU D 221 15.99 21.34 -7.85
CA GLU D 221 15.69 22.38 -8.83
C GLU D 221 14.19 22.34 -9.22
N GLY D 222 13.33 22.45 -8.21
CA GLY D 222 11.90 22.52 -8.47
C GLY D 222 11.20 21.18 -8.66
N GLN D 223 11.76 20.28 -9.48
CA GLN D 223 11.12 19.00 -9.80
C GLN D 223 11.09 18.05 -8.56
N ASP D 224 9.92 17.52 -8.20
CA ASP D 224 9.72 16.54 -7.12
C ASP D 224 10.52 15.21 -7.34
N GLN D 225 10.91 14.47 -6.29
CA GLN D 225 11.75 13.25 -6.45
C GLN D 225 11.14 11.94 -5.97
N SER D 226 9.81 11.86 -5.94
CA SER D 226 9.13 10.72 -5.31
C SER D 226 9.40 9.35 -5.99
N GLN D 227 9.82 9.35 -7.25
CA GLN D 227 10.19 8.11 -8.00
C GLN D 227 11.11 7.21 -7.12
N ASP D 228 12.18 7.79 -6.61
CA ASP D 228 13.24 7.03 -5.92
C ASP D 228 13.33 7.39 -4.46
N MET D 229 12.23 7.91 -3.91
CA MET D 229 12.12 8.27 -2.50
C MET D 229 11.63 7.06 -1.74
N GLU D 230 12.35 6.71 -0.68
CA GLU D 230 11.88 5.82 0.35
C GLU D 230 11.20 6.70 1.41
N LEU D 231 9.97 6.37 1.70
CA LEU D 231 9.16 7.08 2.63
C LEU D 231 8.67 6.04 3.63
N VAL D 232 9.10 6.11 4.89
CA VAL D 232 8.45 5.22 5.87
C VAL D 232 7.04 5.68 6.20
N GLU D 233 6.29 4.70 6.64
CA GLU D 233 4.97 4.93 7.18
C GLU D 233 5.05 5.86 8.35
N THR D 234 4.13 6.82 8.41
CA THR D 234 4.05 7.60 9.62
C THR D 234 3.89 6.68 10.83
N ARG D 235 4.56 6.96 11.91
CA ARG D 235 4.57 6.03 13.05
C ARG D 235 4.33 6.77 14.33
N PRO D 236 3.68 6.13 15.30
CA PRO D 236 3.44 6.83 16.56
C PRO D 236 4.65 6.82 17.54
N SER D 237 4.86 7.96 18.19
CA SER D 237 5.88 8.11 19.18
C SER D 237 5.51 7.48 20.52
N GLY D 238 4.21 7.42 20.82
CA GLY D 238 3.65 6.84 22.03
C GLY D 238 3.12 7.86 23.03
N ASP D 239 3.34 9.15 22.75
CA ASP D 239 3.03 10.23 23.64
C ASP D 239 2.12 11.23 22.95
N GLY D 240 1.39 10.79 21.91
CA GLY D 240 0.48 11.65 21.16
C GLY D 240 1.05 12.18 19.86
N THR D 241 2.37 12.09 19.69
CA THR D 241 3.00 12.68 18.51
C THR D 241 3.38 11.60 17.51
N PHE D 242 3.79 12.01 16.33
CA PHE D 242 4.20 11.12 15.27
C PHE D 242 5.61 11.41 14.75
N GLN D 243 6.15 10.46 14.04
CA GLN D 243 7.41 10.55 13.33
C GLN D 243 7.27 10.07 11.87
N LYS D 244 8.07 10.67 11.00
CA LYS D 244 8.17 10.24 9.61
C LYS D 244 9.52 10.63 9.09
N TRP D 245 9.99 9.90 8.11
CA TRP D 245 11.14 10.32 7.39
C TRP D 245 10.98 9.95 5.94
N ALA D 246 11.71 10.70 5.12
CA ALA D 246 11.85 10.42 3.70
C ALA D 246 13.33 10.47 3.33
N ALA D 247 13.76 9.52 2.55
CA ALA D 247 15.14 9.42 2.18
C ALA D 247 15.28 9.28 0.70
N LEU D 248 16.43 9.71 0.25
CA LEU D 248 16.69 9.86 -1.15
C LEU D 248 18.17 9.63 -1.35
N VAL D 249 18.51 8.79 -2.30
CA VAL D 249 19.93 8.61 -2.66
C VAL D 249 20.30 9.49 -3.86
N VAL D 250 21.36 10.25 -3.63
CA VAL D 250 21.77 11.44 -4.37
C VAL D 250 23.24 11.25 -4.79
N PRO D 251 23.69 11.78 -5.94
CA PRO D 251 25.15 11.66 -6.24
C PRO D 251 26.03 12.43 -5.20
N PRO D 252 27.20 11.86 -4.85
CA PRO D 252 28.10 12.56 -3.91
C PRO D 252 28.50 13.93 -4.42
N GLY D 253 28.54 14.92 -3.53
CA GLY D 253 28.84 16.31 -3.91
C GLY D 253 27.67 17.13 -4.44
N GLU D 254 26.52 16.50 -4.68
CA GLU D 254 25.34 17.19 -5.18
C GLU D 254 24.33 17.35 -4.05
N GLU D 255 24.73 17.16 -2.79
CA GLU D 255 23.80 17.30 -1.70
C GLU D 255 23.02 18.64 -1.71
N GLN D 256 23.67 19.79 -1.89
CA GLN D 256 22.99 21.13 -1.86
C GLN D 256 21.95 21.41 -2.95
N SER D 257 22.04 20.71 -4.07
CA SER D 257 20.99 20.76 -5.06
C SER D 257 19.60 20.31 -4.53
N TYR D 258 19.58 19.53 -3.46
CA TYR D 258 18.35 18.88 -2.97
C TYR D 258 17.77 19.55 -1.74
N THR D 259 16.47 19.76 -1.73
CA THR D 259 15.80 20.31 -0.56
C THR D 259 14.61 19.47 -0.19
N CYS D 260 14.42 19.36 1.12
CA CYS D 260 13.28 18.67 1.67
C CYS D 260 12.21 19.68 2.02
N HIS D 261 11.00 19.43 1.59
CA HIS D 261 9.90 20.37 1.82
C HIS D 261 8.93 19.76 2.81
N VAL D 262 8.63 20.49 3.86
CA VAL D 262 7.77 20.00 4.92
C VAL D 262 6.52 20.88 5.07
N GLN D 263 5.36 20.25 5.01
CA GLN D 263 4.08 20.92 5.25
C GLN D 263 3.33 20.23 6.38
N HIS D 264 2.79 21.04 7.27
CA HIS D 264 2.12 20.54 8.43
C HIS D 264 1.28 21.65 9.02
N GLU D 265 0.13 21.34 9.59
CA GLU D 265 -0.76 22.42 10.04
C GLU D 265 -0.18 23.26 11.22
N GLY D 266 0.64 22.63 12.06
CA GLY D 266 1.45 23.33 13.07
C GLY D 266 2.42 24.41 12.61
N LEU D 267 2.81 24.42 11.33
CA LEU D 267 3.77 25.39 10.83
C LEU D 267 3.13 26.63 10.25
N GLN D 268 3.75 27.77 10.59
CA GLN D 268 3.43 29.07 9.96
C GLN D 268 3.61 29.13 8.44
N GLU D 269 4.64 28.45 7.92
CA GLU D 269 4.88 28.37 6.49
C GLU D 269 5.59 27.07 6.29
N PRO D 270 5.51 26.52 5.07
CA PRO D 270 6.26 25.29 4.82
C PRO D 270 7.76 25.50 4.98
N LEU D 271 8.43 24.47 5.46
CA LEU D 271 9.87 24.52 5.67
C LEU D 271 10.59 24.06 4.42
N THR D 272 11.71 24.68 4.11
CA THR D 272 12.57 24.26 3.06
C THR D 272 13.87 23.90 3.76
N LEU D 273 14.17 22.61 3.86
CA LEU D 273 15.37 22.11 4.55
C LEU D 273 16.47 21.66 3.61
N ARG D 274 17.69 21.80 4.06
CA ARG D 274 18.89 21.55 3.25
C ARG D 274 19.88 20.89 4.17
N TRP D 275 20.64 19.91 3.67
CA TRP D 275 21.70 19.33 4.47
C TRP D 275 22.77 20.38 4.78
N ASP D 276 23.18 20.47 6.04
CA ASP D 276 24.15 21.52 6.55
C ASP D 276 25.45 20.87 7.06
N MET E 1 -9.52 -14.88 1.34
CA MET E 1 -8.61 -14.95 2.53
C MET E 1 -7.33 -14.22 2.18
N ILE E 2 -7.15 -13.01 2.69
CA ILE E 2 -5.87 -12.34 2.47
C ILE E 2 -4.97 -12.67 3.65
N GLN E 3 -3.67 -12.81 3.37
CA GLN E 3 -2.63 -12.79 4.38
C GLN E 3 -1.53 -11.76 4.02
N ARG E 4 -1.26 -10.86 4.93
CA ARG E 4 -0.26 -9.80 4.71
C ARG E 4 0.70 -9.75 5.86
N THR E 5 1.99 -9.84 5.55
CA THR E 5 3.05 -9.87 6.56
C THR E 5 3.25 -8.46 7.15
N PRO E 6 3.58 -8.38 8.43
CA PRO E 6 3.78 -7.09 9.07
C PRO E 6 5.02 -6.35 8.65
N LYS E 7 4.83 -5.06 8.50
CA LYS E 7 5.90 -4.12 8.50
C LYS E 7 6.29 -3.90 9.92
N ILE E 8 7.59 -3.85 10.18
CA ILE E 8 8.06 -3.74 11.53
C ILE E 8 9.02 -2.57 11.61
N GLN E 9 8.73 -1.63 12.49
CA GLN E 9 9.62 -0.50 12.75
C GLN E 9 9.96 -0.48 14.22
N VAL E 10 11.26 -0.53 14.52
CA VAL E 10 11.79 -0.36 15.84
C VAL E 10 12.54 0.96 15.93
N TYR E 11 12.19 1.80 16.90
CA TYR E 11 12.75 3.17 17.03
C TYR E 11 12.49 3.68 18.41
N SER E 12 13.11 4.78 18.80
CA SER E 12 12.86 5.37 20.13
C SER E 12 11.93 6.53 20.03
N ARG E 13 11.25 6.86 21.13
CA ARG E 13 10.29 7.95 21.14
C ARG E 13 10.96 9.33 20.87
N HIS E 14 12.14 9.55 21.47
CA HIS E 14 12.96 10.74 21.36
C HIS E 14 14.34 10.34 20.76
N PRO E 15 15.04 11.32 20.15
CA PRO E 15 16.41 11.15 19.75
C PRO E 15 17.20 10.55 20.93
N ALA E 16 17.93 9.47 20.63
CA ALA E 16 18.49 8.63 21.63
C ALA E 16 19.76 9.29 22.07
N GLU E 17 19.89 9.51 23.37
CA GLU E 17 21.09 10.03 23.97
C GLU E 17 21.48 9.07 25.10
N ASN E 18 22.73 8.63 25.08
CA ASN E 18 23.17 7.65 26.06
C ASN E 18 23.00 8.21 27.47
N GLY E 19 22.51 7.36 28.38
CA GLY E 19 22.23 7.79 29.75
C GLY E 19 21.05 8.74 29.95
N LYS E 20 20.22 8.93 28.93
CA LYS E 20 18.98 9.70 29.09
C LYS E 20 17.80 8.77 28.93
N SER E 21 16.88 8.88 29.87
CA SER E 21 15.65 8.10 29.85
C SER E 21 14.81 8.28 28.56
N ASN E 22 14.25 7.20 28.05
CA ASN E 22 13.53 7.20 26.76
C ASN E 22 12.52 6.02 26.67
N PHE E 23 11.89 5.84 25.52
CA PHE E 23 11.00 4.72 25.25
C PHE E 23 11.39 4.05 23.96
N LEU E 24 11.47 2.75 24.00
CA LEU E 24 11.65 2.01 22.80
C LEU E 24 10.30 1.45 22.27
N ASN E 25 10.12 1.59 20.97
CA ASN E 25 8.87 1.34 20.29
C ASN E 25 9.16 0.27 19.29
N CYS E 26 8.22 -0.64 19.14
CA CYS E 26 8.14 -1.59 18.02
C CYS E 26 6.73 -1.43 17.42
N TYR E 27 6.68 -0.87 16.23
CA TYR E 27 5.46 -0.57 15.55
C TYR E 27 5.31 -1.61 14.46
N VAL E 28 4.22 -2.37 14.58
CA VAL E 28 3.85 -3.38 13.60
C VAL E 28 2.61 -3.01 12.89
N SER E 29 2.62 -3.07 11.58
CA SER E 29 1.48 -2.57 10.77
C SER E 29 1.39 -3.30 9.44
N GLY E 30 0.29 -3.10 8.75
CA GLY E 30 0.05 -3.60 7.43
C GLY E 30 -0.21 -5.10 7.37
N PHE E 31 -0.53 -5.68 8.52
CA PHE E 31 -0.70 -7.10 8.64
C PHE E 31 -2.19 -7.55 8.65
N HIS E 32 -2.37 -8.82 8.27
CA HIS E 32 -3.66 -9.46 8.24
C HIS E 32 -3.45 -10.98 8.08
N PRO E 33 -4.09 -11.81 8.86
CA PRO E 33 -5.06 -11.49 9.92
C PRO E 33 -4.44 -10.97 11.21
N SER E 34 -5.29 -10.72 12.20
CA SER E 34 -4.89 -9.99 13.39
C SER E 34 -4.03 -10.70 14.45
N ASP E 35 -4.01 -12.02 14.59
CA ASP E 35 -3.21 -12.67 15.64
C ASP E 35 -1.72 -12.35 15.40
N ILE E 36 -1.04 -11.78 16.38
CA ILE E 36 0.37 -11.49 16.24
C ILE E 36 1.05 -11.55 17.61
N GLU E 37 2.31 -11.94 17.65
CA GLU E 37 3.05 -11.94 18.90
C GLU E 37 4.32 -11.15 18.71
N VAL E 38 4.57 -10.25 19.66
CA VAL E 38 5.67 -9.32 19.63
C VAL E 38 6.38 -9.36 20.98
N ASP E 39 7.70 -9.55 20.96
CA ASP E 39 8.55 -9.36 22.14
C ASP E 39 9.56 -8.25 21.89
N LEU E 40 9.86 -7.49 22.92
CA LEU E 40 11.01 -6.61 22.92
C LEU E 40 12.19 -7.33 23.60
N LEU E 41 13.36 -7.28 22.96
CA LEU E 41 14.55 -7.94 23.42
C LEU E 41 15.66 -6.97 23.77
N LYS E 42 16.42 -7.32 24.81
CA LYS E 42 17.60 -6.57 25.22
C LYS E 42 18.79 -7.52 25.29
N ASN E 43 19.77 -7.34 24.40
CA ASN E 43 20.89 -8.30 24.22
C ASN E 43 20.34 -9.74 24.14
N GLY E 44 19.29 -9.94 23.36
CA GLY E 44 18.69 -11.28 23.17
C GLY E 44 17.66 -11.81 24.19
N GLU E 45 17.40 -11.06 25.28
CA GLU E 45 16.50 -11.45 26.37
C GLU E 45 15.18 -10.70 26.32
N ARG E 46 14.06 -11.42 26.31
CA ARG E 46 12.73 -10.82 26.53
C ARG E 46 12.78 -9.85 27.72
N ILE E 47 12.36 -8.63 27.47
CA ILE E 47 12.05 -7.63 28.51
C ILE E 47 10.64 -7.95 29.06
N GLU E 48 10.46 -7.96 30.37
CA GLU E 48 9.19 -8.37 30.99
C GLU E 48 8.11 -7.31 30.76
N LYS E 49 8.33 -6.06 31.16
CA LYS E 49 7.20 -5.09 31.30
C LYS E 49 7.01 -4.26 30.02
N VAL E 50 6.40 -4.87 29.01
CA VAL E 50 6.21 -4.26 27.71
C VAL E 50 4.73 -3.98 27.58
N GLU E 51 4.38 -2.73 27.37
CA GLU E 51 2.99 -2.39 27.19
C GLU E 51 2.68 -2.37 25.70
N HIS E 52 1.40 -2.49 25.36
CA HIS E 52 0.98 -2.35 23.98
C HIS E 52 -0.37 -1.65 23.77
N SER E 53 -0.53 -1.09 22.59
CA SER E 53 -1.74 -0.41 22.22
C SER E 53 -2.87 -1.41 21.91
N ASP E 54 -4.11 -0.88 21.85
CA ASP E 54 -5.27 -1.69 21.50
C ASP E 54 -5.26 -1.88 20.04
N LEU E 55 -5.68 -3.04 19.58
CA LEU E 55 -5.80 -3.33 18.16
C LEU E 55 -6.76 -2.41 17.40
N SER E 56 -6.22 -1.89 16.31
CA SER E 56 -6.98 -1.14 15.37
C SER E 56 -6.47 -1.40 13.98
N PHE E 57 -7.04 -0.67 13.03
CA PHE E 57 -6.67 -0.90 11.68
C PHE E 57 -6.86 0.39 10.87
N SER E 58 -6.27 0.38 9.69
CA SER E 58 -6.24 1.46 8.75
C SER E 58 -7.36 1.41 7.73
N LYS E 59 -7.48 2.49 6.98
CA LYS E 59 -8.38 2.53 5.85
C LYS E 59 -8.22 1.37 4.88
N ASP E 60 -7.04 0.74 4.75
CA ASP E 60 -6.92 -0.39 3.83
C ASP E 60 -7.26 -1.71 4.54
N TRP E 61 -7.83 -1.62 5.74
CA TRP E 61 -8.19 -2.78 6.58
C TRP E 61 -7.02 -3.50 7.27
N SER E 62 -5.79 -3.03 7.07
CA SER E 62 -4.66 -3.72 7.63
C SER E 62 -4.44 -3.24 9.07
N PHE E 63 -4.11 -4.18 9.90
CA PHE E 63 -3.98 -3.97 11.34
C PHE E 63 -2.70 -3.29 11.72
N TYR E 64 -2.70 -2.63 12.86
CA TYR E 64 -1.47 -2.09 13.44
C TYR E 64 -1.55 -2.09 14.96
N LEU E 65 -0.39 -2.14 15.58
CA LEU E 65 -0.23 -2.11 17.05
C LEU E 65 1.14 -1.48 17.43
N LEU E 66 1.22 -0.77 18.54
CA LEU E 66 2.46 -0.31 19.09
C LEU E 66 2.77 -1.06 20.39
N TYR E 67 3.97 -1.60 20.44
CA TYR E 67 4.55 -2.14 21.61
C TYR E 67 5.67 -1.24 22.14
N TYR E 68 5.76 -1.06 23.44
CA TYR E 68 6.79 -0.20 23.97
C TYR E 68 7.14 -0.47 25.42
N THR E 69 8.27 0.10 25.81
CA THR E 69 8.84 -0.09 27.09
C THR E 69 9.80 1.05 27.33
N GLU E 70 9.80 1.53 28.56
CA GLU E 70 10.78 2.46 29.00
C GLU E 70 12.22 1.84 28.94
N PHE E 71 13.19 2.62 28.48
CA PHE E 71 14.61 2.22 28.51
C PHE E 71 15.58 3.40 28.52
N THR E 72 16.83 3.08 28.78
CA THR E 72 17.92 4.05 28.68
C THR E 72 18.97 3.55 27.67
N PRO E 73 19.06 4.20 26.51
CA PRO E 73 20.07 3.85 25.53
C PRO E 73 21.45 3.87 26.16
N THR E 74 22.27 2.89 25.78
CA THR E 74 23.68 2.97 26.05
C THR E 74 24.47 2.63 24.79
N GLU E 75 25.76 2.90 24.76
CA GLU E 75 26.57 2.59 23.60
C GLU E 75 26.54 1.09 23.31
N LYS E 76 26.70 0.26 24.34
CA LYS E 76 26.89 -1.18 24.18
C LYS E 76 25.62 -2.01 23.90
N ASP E 77 24.50 -1.68 24.55
CA ASP E 77 23.31 -2.55 24.58
C ASP E 77 22.57 -2.59 23.23
N GLU E 78 22.29 -3.83 22.77
CA GLU E 78 21.50 -4.06 21.57
C GLU E 78 20.04 -4.28 21.96
N TYR E 79 19.18 -3.59 21.25
CA TYR E 79 17.73 -3.77 21.38
C TYR E 79 17.16 -4.27 20.07
N ALA E 80 15.99 -4.86 20.18
CA ALA E 80 15.38 -5.60 19.08
C ALA E 80 13.92 -5.93 19.38
N CYS E 81 13.19 -6.11 18.29
CA CYS E 81 11.82 -6.54 18.31
C CYS E 81 11.72 -7.92 17.65
N ARG E 82 11.15 -8.91 18.32
CA ARG E 82 10.85 -10.22 17.73
C ARG E 82 9.34 -10.31 17.46
N VAL E 83 8.96 -10.68 16.23
CA VAL E 83 7.58 -10.68 15.80
C VAL E 83 7.22 -12.03 15.21
N ASN E 84 6.09 -12.57 15.61
CA ASN E 84 5.57 -13.78 14.94
C ASN E 84 4.16 -13.48 14.44
N HIS E 85 3.89 -14.04 13.27
CA HIS E 85 2.65 -13.90 12.57
C HIS E 85 2.49 -15.18 11.73
N VAL E 86 1.27 -15.51 11.35
CA VAL E 86 0.96 -16.65 10.48
C VAL E 86 1.74 -16.66 9.14
N THR E 87 1.99 -15.47 8.58
CA THR E 87 2.73 -15.30 7.33
C THR E 87 4.20 -15.69 7.45
N LEU E 88 4.74 -15.74 8.66
CA LEU E 88 6.14 -16.01 8.89
C LEU E 88 6.46 -17.49 9.21
N SER E 89 7.33 -18.10 8.42
CA SER E 89 7.94 -19.38 8.76
C SER E 89 8.63 -19.39 10.15
N GLN E 90 9.19 -18.26 10.57
CA GLN E 90 10.02 -18.19 11.77
C GLN E 90 9.82 -16.83 12.41
N PRO E 91 9.97 -16.73 13.76
CA PRO E 91 9.92 -15.37 14.37
C PRO E 91 10.96 -14.41 13.76
N LYS E 92 10.53 -13.21 13.39
CA LYS E 92 11.39 -12.19 12.76
C LYS E 92 11.94 -11.17 13.73
N ILE E 93 13.28 -11.02 13.75
CA ILE E 93 13.92 -10.11 14.69
C ILE E 93 14.42 -8.92 13.87
N VAL E 94 14.17 -7.73 14.39
CA VAL E 94 14.53 -6.49 13.72
C VAL E 94 15.25 -5.65 14.77
N LYS E 95 16.53 -5.39 14.51
CA LYS E 95 17.33 -4.71 15.50
C LYS E 95 17.03 -3.20 15.48
N TRP E 96 17.11 -2.56 16.63
CA TRP E 96 17.03 -1.10 16.67
C TRP E 96 18.35 -0.51 16.14
N ASP E 97 18.21 0.21 15.02
CA ASP E 97 19.23 1.09 14.47
C ASP E 97 18.86 2.51 14.88
N ARG E 98 19.70 3.07 15.75
CA ARG E 98 19.58 4.43 16.29
C ARG E 98 19.39 5.55 15.28
N ASP E 99 20.07 5.42 14.16
CA ASP E 99 20.00 6.41 13.09
C ASP E 99 18.76 6.23 12.19
N MET E 100 17.68 5.56 12.67
CA MET E 100 16.65 4.94 11.77
C MET E 100 15.22 4.66 12.40
N ASP F 1 -20.12 8.22 21.16
CA ASP F 1 -21.32 7.49 21.63
C ASP F 1 -21.65 6.37 20.62
N PHE F 2 -21.30 5.16 21.01
CA PHE F 2 -21.37 3.98 20.16
C PHE F 2 -22.81 3.69 19.72
N GLU F 3 -23.02 3.35 18.46
CA GLU F 3 -24.36 3.12 18.01
C GLU F 3 -24.75 1.67 18.24
N ARG F 4 -26.04 1.44 18.53
CA ARG F 4 -26.52 0.06 18.63
C ARG F 4 -26.94 -0.41 17.25
N GLU F 5 -26.19 -1.41 16.76
CA GLU F 5 -26.50 -2.12 15.52
C GLU F 5 -27.72 -2.99 15.78
N GLY F 6 -28.82 -2.74 15.05
CA GLY F 6 -29.99 -3.63 15.05
C GLY F 6 -30.02 -4.69 13.95
N TYR F 7 -29.13 -4.62 12.96
CA TYR F 7 -29.23 -5.49 11.79
C TYR F 7 -27.96 -6.34 11.63
N SER F 8 -28.23 -7.62 11.37
CA SER F 8 -27.20 -8.54 11.05
C SER F 8 -27.12 -8.60 9.54
N LEU F 9 -25.92 -8.83 9.03
CA LEU F 9 -25.67 -9.09 7.59
C LEU F 9 -26.33 -10.38 7.06
C1 EDO G . 14.98 1.15 -10.83
O1 EDO G . 14.38 -0.05 -11.32
C2 EDO G . 14.39 1.54 -9.49
O2 EDO G . 13.87 0.36 -8.88
C1 EDO H . 1.13 -3.04 -7.64
O1 EDO H . 0.92 -4.41 -8.08
C2 EDO H . -0.03 -2.37 -6.89
O2 EDO H . 0.17 -2.34 -5.47
C1 EDO I . 15.14 -0.80 12.83
O1 EDO I . 15.55 0.36 13.61
C2 EDO I . 13.98 -0.68 11.82
O2 EDO I . 13.21 0.53 11.88
C1 GOL J . -1.02 0.19 5.25
O1 GOL J . -0.94 -1.14 4.71
C2 GOL J . -0.45 0.32 6.69
O2 GOL J . 0.53 -0.69 6.95
C3 GOL J . -1.53 0.35 7.78
O3 GOL J . -1.53 -0.70 8.79
S SO4 K . 14.04 8.62 16.59
O1 SO4 K . 13.77 9.53 17.74
O2 SO4 K . 13.19 9.03 15.45
O3 SO4 K . 13.70 7.22 16.90
O4 SO4 K . 15.49 8.70 16.23
S SO4 L . 7.63 -14.27 19.81
O1 SO4 L . 6.26 -14.73 20.12
O2 SO4 L . 7.71 -12.80 19.90
O3 SO4 L . 8.59 -14.89 20.76
O4 SO4 L . 7.96 -14.72 18.44
#